data_8PEE
#
_entry.id   8PEE
#
_cell.length_a   1.00
_cell.length_b   1.00
_cell.length_c   1.00
_cell.angle_alpha   90.00
_cell.angle_beta   90.00
_cell.angle_gamma   90.00
#
_symmetry.space_group_name_H-M   'P 1'
#
loop_
_entity.id
_entity.type
_entity.pdbx_description
1 polymer 'ATP-dependent translocase ABCB1'
2 non-polymer (4S,11S,18S)-4-[[(2,4-dinitrophenyl)disulfanyl]methyl]-11,18-dimethyl-6,13,20-trithia-3,10,17,22,23,24-hexazatetracyclo[17.2.1.1^{5,8}.1^{12,15}]tetracosa-1(21),5(24),7,12(23),14,19(22)-hexaene-2,9,16-trione
3 non-polymer (4~{S},11~{S},18~{S})-4,11-dimethyl-18-(sulfanylmethyl)-6,13,20-trithia-3,10,17,22,23,24-hexazatetracyclo[17.2.1.1^{5,8}.1^{12,15}]tetracosa-1(21),5(24),7,12(23),14,19(22)-hexaene-2,9,16-trione
4 non-polymer 'CHOLESTEROL HEMISUCCINATE'
#
_entity_poly.entity_id   1
_entity_poly.type   'polypeptide(L)'
_entity_poly.pdbx_seq_one_letter_code
;MELEEDLKGRADKNFSKMGKKSKKEKKEKKPAVSVLTMFRYAGWLDRLYMLVGTLAAIIHGVALPLMMLIFGDMTDSFAS
VGQVSKQSTQMSEADKRAMFAKLEEEMTTYAYYYTGIGAGVLIVAYIQVSFWALAAGRQIHKIRQKFFHAIMNQEIGWFD
VHDVGELNTRLTDDVSKINEGIGDKIGMFFQAMATFFGGFIIGFTRGWKLTLVILAISPVLGLSAGIWAKILSSFTDKEL
HAYAKAGAVAEEVLAAIRTVIAFGGQKKELERYNNNLEEAKRLGIKKAITANISMGAAFLLIYASYALAFWYGTSLVISK
EYSIGQVLTVFFSVCIGAFSVGQASPNIEAFANARGAAYEVFKIIDNKPSIDSFSKSGHKPDNIQGNLEFKNIHFSYPSR
KEVQILKGLNLKVKSGQTVALVGNSGGGKSTTVQLMQRLYDPLDGMVSIDGQDIRTINVRYLREIIGVVSQEPVLFATTI
AENIRYGREDVTMDEIEKAVKEANAYDFIMKLPHQFDTLVGERGAQLSGGQKQRIAIARALVRNPKILLLDEATSALDTE
SEAVVQAALDKAREGRTTIVIAHRLSTVRNADVIAGFDGGVIVEQGNHDELMREKGIYFKLVMTQTAGNEIELGNEAGKS
KDEIDNLDMSSKDSGSSLIRRRSTRKSITGPHDQDRKLSTKEALDEDVPPASFWRILKLNSTEWPYFVVGIFAAIINGGL
QPAFSVIFSKVVGVFTNGGPPETQRQNSNLFSLLFLILGIISFITFFLQGFTFGKAGEILTKRLRYMVFKSMLRQDVSWF
DDPKNTTGALTTRLANDAAQVKGATGSRLAVIFQNIANLGTGIIISLIYGWQLTLLLLAIVPIIAIAGVVEMKMLSGQAL
KDKKELEGSGKIATEAIENFRTVVSLTREQKFETMYAQSLQIPYRNAMKKAHVFGITFSFTQAMMYFSYAAAFRFGAYLV
TQQLMTFENVLLVFSAIVFGAMAVGQVSSFAPDYAKATVSASHIIRIIEKTPEIDSYSTQGLKPNMLEGNVQFSGVVFNY
PTRPSIPVLQGLSLEVKKGQTLALVGSSGGGKSTVVQLLERFYDPMAGSVFLDGKEIKQLNVQWLRAQLGIVSQEPILFD
RSIAENIAYGDNSRVVSYEEIVRAAKEANIHQFIDSLPDKYNTRVGDKGTQLSGGQKQRIAIARALVRQPHILLLDEATS
ALDTESEKVVQEALDKAREGRTVIVIAHRLSTIQNADLIVVIQNGKVKEHGTHQQLLAQKGIYFSMVSVQAGAKRSLEEN
LYFQGGGASGGSWSHPQFEKAAAGGGSGGGSWSHPQFEKGSGHHHHHH
;
_entity_poly.pdbx_strand_id   A
#
loop_
_chem_comp.id
_chem_comp.type
_chem_comp.name
_chem_comp.formula
JIZ non-polymer (4~{S},11~{S},18~{S})-4,11-dimethyl-18-(sulfanylmethyl)-6,13,20-trithia-3,10,17,22,23,24-hexazatetracyclo[17.2.1.1^{5,8}.1^{12,15}]tetracosa-1(21),5(24),7,12(23),14,19(22)-hexaene-2,9,16-trione 'C18 H18 N6 O3 S4'
JJI peptide-like (4S,11S,18S)-4-[[(2,4-dinitrophenyl)disulfanyl]methyl]-11,18-dimethyl-6,13,20-trithia-3,10,17,22,23,24-hexazatetracyclo[17.2.1.1^{5,8}.1^{12,15}]tetracosa-1(21),5(24),7,12(23),14,19(22)-hexaene-2,9,16-trione 'C24 H20 N8 O7 S5'
Y01 non-polymer 'CHOLESTEROL HEMISUCCINATE' 'C31 H50 O4'
#
# COMPACT_ATOMS: atom_id res chain seq x y z
N ALA A 32 -4.31 -17.14 -18.50
CA ALA A 32 -4.02 -15.83 -17.94
C ALA A 32 -2.54 -15.51 -18.03
N VAL A 33 -1.80 -16.33 -18.79
CA VAL A 33 -0.36 -16.19 -18.95
C VAL A 33 -0.02 -16.32 -20.43
N SER A 34 1.26 -16.06 -20.74
CA SER A 34 1.75 -16.16 -22.11
C SER A 34 3.26 -16.33 -22.05
N VAL A 35 3.75 -17.47 -22.53
CA VAL A 35 5.14 -17.88 -22.33
C VAL A 35 5.93 -17.65 -23.60
N LEU A 36 7.13 -17.07 -23.47
CA LEU A 36 8.03 -16.78 -24.59
C LEU A 36 7.38 -15.97 -25.70
N THR A 37 6.44 -15.09 -25.34
CA THR A 37 5.99 -14.04 -26.25
C THR A 37 6.45 -12.67 -25.79
N MET A 38 6.90 -12.54 -24.54
CA MET A 38 7.44 -11.28 -24.05
C MET A 38 8.52 -10.73 -24.97
N PHE A 39 9.49 -11.58 -25.33
CA PHE A 39 10.61 -11.20 -26.16
C PHE A 39 10.20 -10.93 -27.60
N ARG A 40 8.91 -11.00 -27.90
CA ARG A 40 8.41 -10.67 -29.23
C ARG A 40 8.80 -9.27 -29.65
N TYR A 41 9.02 -8.36 -28.71
CA TYR A 41 9.38 -6.98 -29.00
C TYR A 41 10.89 -6.76 -28.90
N ALA A 42 11.68 -7.82 -28.94
CA ALA A 42 13.13 -7.73 -28.82
C ALA A 42 13.77 -7.79 -30.20
N GLY A 43 14.69 -6.86 -30.46
CA GLY A 43 15.42 -6.84 -31.72
C GLY A 43 16.63 -7.74 -31.71
N TRP A 44 17.41 -7.63 -32.79
CA TRP A 44 18.62 -8.44 -32.92
C TRP A 44 19.64 -8.09 -31.85
N LEU A 45 19.81 -6.79 -31.55
CA LEU A 45 20.73 -6.40 -30.50
C LEU A 45 20.28 -6.92 -29.15
N ASP A 46 18.98 -6.88 -28.86
CA ASP A 46 18.49 -7.41 -27.61
C ASP A 46 18.70 -8.91 -27.51
N ARG A 47 18.49 -9.63 -28.63
CA ARG A 47 18.72 -11.07 -28.62
C ARG A 47 20.19 -11.39 -28.39
N LEU A 48 21.10 -10.63 -29.01
CA LEU A 48 22.52 -10.83 -28.76
C LEU A 48 22.86 -10.55 -27.30
N TYR A 49 22.29 -9.48 -26.73
CA TYR A 49 22.50 -9.19 -25.33
C TYR A 49 22.07 -10.36 -24.46
N MET A 50 20.88 -10.91 -24.73
CA MET A 50 20.37 -12.02 -23.94
C MET A 50 21.26 -13.25 -24.08
N LEU A 51 21.74 -13.53 -25.29
CA LEU A 51 22.57 -14.71 -25.50
C LEU A 51 23.90 -14.58 -24.76
N VAL A 52 24.55 -13.42 -24.86
CA VAL A 52 25.81 -13.22 -24.17
C VAL A 52 25.59 -13.25 -22.65
N GLY A 53 24.48 -12.70 -22.18
CA GLY A 53 24.16 -12.77 -20.77
C GLY A 53 23.97 -14.19 -20.29
N THR A 54 23.29 -15.02 -21.09
CA THR A 54 23.11 -16.41 -20.70
C THR A 54 24.45 -17.14 -20.66
N LEU A 55 25.32 -16.89 -21.64
CA LEU A 55 26.63 -17.54 -21.63
C LEU A 55 27.44 -17.12 -20.40
N ALA A 56 27.42 -15.83 -20.07
CA ALA A 56 28.13 -15.36 -18.89
C ALA A 56 27.53 -15.96 -17.62
N ALA A 57 26.20 -16.07 -17.56
CA ALA A 57 25.58 -16.69 -16.39
C ALA A 57 26.00 -18.14 -16.25
N ILE A 58 26.07 -18.87 -17.37
CA ILE A 58 26.52 -20.26 -17.32
C ILE A 58 27.94 -20.35 -16.79
N ILE A 59 28.84 -19.52 -17.32
CA ILE A 59 30.24 -19.58 -16.90
C ILE A 59 30.37 -19.22 -15.42
N HIS A 60 29.70 -18.15 -15.00
CA HIS A 60 29.81 -17.73 -13.60
C HIS A 60 29.19 -18.75 -12.66
N GLY A 61 28.16 -19.46 -13.11
CA GLY A 61 27.62 -20.53 -12.30
C GLY A 61 28.57 -21.70 -12.18
N VAL A 62 29.23 -22.07 -13.27
CA VAL A 62 30.18 -23.18 -13.24
C VAL A 62 31.43 -22.82 -12.44
N ALA A 63 31.70 -21.53 -12.25
CA ALA A 63 32.93 -21.11 -11.60
C ALA A 63 33.08 -21.72 -10.20
N LEU A 64 32.02 -21.68 -9.39
CA LEU A 64 32.16 -22.07 -7.99
C LEU A 64 32.50 -23.54 -7.78
N PRO A 65 31.87 -24.51 -8.46
CA PRO A 65 32.34 -25.90 -8.33
C PRO A 65 33.80 -26.08 -8.70
N LEU A 66 34.31 -25.33 -9.67
CA LEU A 66 35.75 -25.36 -9.93
C LEU A 66 36.54 -24.85 -8.73
N MET A 67 36.02 -23.84 -8.04
CA MET A 67 36.65 -23.38 -6.80
C MET A 67 36.72 -24.51 -5.79
N MET A 68 35.62 -25.25 -5.62
CA MET A 68 35.64 -26.38 -4.68
C MET A 68 36.61 -27.46 -5.12
N LEU A 69 36.71 -27.74 -6.42
CA LEU A 69 37.66 -28.72 -6.91
C LEU A 69 39.09 -28.31 -6.61
N ILE A 70 39.44 -27.05 -6.84
CA ILE A 70 40.78 -26.58 -6.54
C ILE A 70 41.03 -26.63 -5.04
N PHE A 71 40.02 -26.33 -4.22
CA PHE A 71 40.18 -26.45 -2.78
C PHE A 71 40.45 -27.89 -2.36
N GLY A 72 39.75 -28.84 -2.97
CA GLY A 72 39.99 -30.24 -2.67
C GLY A 72 41.40 -30.67 -3.05
N ASP A 73 41.87 -30.26 -4.21
CA ASP A 73 43.24 -30.58 -4.61
C ASP A 73 44.25 -29.93 -3.67
N MET A 74 43.97 -28.71 -3.23
CA MET A 74 44.81 -28.04 -2.24
C MET A 74 44.93 -28.85 -0.97
N THR A 75 43.80 -29.31 -0.43
CA THR A 75 43.82 -30.08 0.79
C THR A 75 44.54 -31.39 0.59
N ASP A 76 44.35 -32.03 -0.56
CA ASP A 76 45.06 -33.29 -0.83
C ASP A 76 46.57 -33.06 -0.88
N SER A 77 47.01 -31.97 -1.50
CA SER A 77 48.44 -31.67 -1.56
C SER A 77 49.01 -31.44 -0.16
N PHE A 78 48.31 -30.65 0.66
CA PHE A 78 48.77 -30.44 2.02
C PHE A 78 48.81 -31.74 2.82
N ALA A 79 47.80 -32.59 2.65
CA ALA A 79 47.80 -33.87 3.35
C ALA A 79 48.98 -34.73 2.93
N SER A 80 49.28 -34.75 1.63
CA SER A 80 50.41 -35.55 1.14
C SER A 80 51.73 -35.02 1.68
N VAL A 81 51.90 -33.70 1.70
CA VAL A 81 53.21 -33.14 2.06
C VAL A 81 53.42 -33.15 3.56
N GLY A 82 52.44 -32.68 4.33
CA GLY A 82 52.61 -32.48 5.74
C GLY A 82 52.44 -33.70 6.62
N GLN A 83 52.42 -34.90 6.04
CA GLN A 83 52.22 -36.10 6.84
C GLN A 83 53.34 -36.28 7.86
N VAL A 84 54.58 -36.04 7.47
CA VAL A 84 55.79 -36.09 8.31
C VAL A 84 55.75 -37.27 9.28
N SER A 85 55.14 -38.38 8.86
CA SER A 85 55.00 -39.53 9.74
C SER A 85 56.29 -40.34 9.85
N LYS A 86 57.28 -40.06 9.01
CA LYS A 86 58.54 -40.80 9.04
C LYS A 86 59.48 -40.12 10.03
N GLN A 87 59.77 -40.80 11.14
CA GLN A 87 60.69 -40.24 12.13
C GLN A 87 62.13 -40.34 11.67
N SER A 88 62.43 -41.34 10.82
CA SER A 88 63.80 -41.48 10.31
C SER A 88 64.21 -40.28 9.48
N THR A 89 63.32 -39.79 8.64
CA THR A 89 63.56 -38.60 7.82
C THR A 89 63.01 -37.33 8.44
N GLN A 90 62.56 -37.40 9.70
CA GLN A 90 62.04 -36.21 10.38
C GLN A 90 63.13 -35.14 10.52
N MET A 91 64.34 -35.56 10.87
CA MET A 91 65.47 -34.65 10.99
C MET A 91 66.42 -34.72 9.80
N SER A 92 66.51 -35.89 9.18
CA SER A 92 67.47 -36.11 8.06
C SER A 92 67.27 -35.08 6.94
N GLU A 93 68.36 -34.64 6.30
CA GLU A 93 68.28 -33.66 5.18
C GLU A 93 67.56 -32.40 5.67
N ALA A 94 67.89 -31.92 6.87
CA ALA A 94 67.25 -30.70 7.42
C ALA A 94 65.73 -30.87 7.35
N ASP A 95 65.19 -31.96 7.91
CA ASP A 95 63.74 -32.25 7.80
C ASP A 95 63.42 -32.45 6.31
N LYS A 96 62.51 -31.66 5.75
CA LYS A 96 62.27 -31.76 4.28
C LYS A 96 63.17 -30.75 3.58
N ARG A 97 62.72 -29.50 3.48
CA ARG A 97 63.53 -28.42 2.83
C ARG A 97 63.93 -28.87 1.43
N ALA A 98 63.01 -29.57 0.74
CA ALA A 98 63.26 -30.07 -0.63
C ALA A 98 61.89 -30.27 -1.27
N MET A 99 60.97 -30.90 -0.53
CA MET A 99 59.62 -31.03 -1.03
C MET A 99 58.67 -30.04 -0.36
N PHE A 100 59.13 -29.33 0.68
CA PHE A 100 58.49 -28.07 1.02
C PHE A 100 58.53 -27.10 -0.15
N ALA A 101 59.60 -27.14 -0.94
CA ALA A 101 59.64 -26.35 -2.17
C ALA A 101 58.59 -26.84 -3.17
N LYS A 102 58.36 -28.16 -3.21
CA LYS A 102 57.27 -28.63 -4.10
C LYS A 102 55.98 -28.03 -3.59
N LEU A 103 55.71 -28.19 -2.30
CA LEU A 103 54.48 -27.60 -1.76
C LEU A 103 54.37 -26.13 -2.15
N GLU A 104 55.46 -25.40 -2.05
CA GLU A 104 55.44 -23.97 -2.38
C GLU A 104 55.09 -23.76 -3.84
N GLU A 105 55.66 -24.57 -4.74
CA GLU A 105 55.35 -24.45 -6.16
C GLU A 105 53.90 -24.81 -6.43
N GLU A 106 53.40 -25.89 -5.81
CA GLU A 106 52.01 -26.28 -5.98
C GLU A 106 51.08 -25.18 -5.49
N MET A 107 51.42 -24.55 -4.37
CA MET A 107 50.55 -23.50 -3.86
C MET A 107 50.64 -22.23 -4.68
N THR A 108 51.81 -21.96 -5.28
CA THR A 108 51.91 -20.82 -6.18
C THR A 108 51.03 -21.04 -7.41
N THR A 109 51.06 -22.22 -7.96
CA THR A 109 50.20 -22.47 -9.12
C THR A 109 48.73 -22.51 -8.73
N TYR A 110 48.40 -22.98 -7.53
CA TYR A 110 47.01 -22.92 -7.09
C TYR A 110 46.55 -21.49 -6.83
N ALA A 111 47.44 -20.63 -6.34
CA ALA A 111 47.10 -19.23 -6.19
C ALA A 111 46.89 -18.59 -7.56
N TYR A 112 47.68 -18.99 -8.55
CA TYR A 112 47.42 -18.54 -9.91
C TYR A 112 46.06 -19.00 -10.41
N TYR A 113 45.70 -20.26 -10.13
CA TYR A 113 44.37 -20.74 -10.48
C TYR A 113 43.28 -19.90 -9.82
N TYR A 114 43.43 -19.63 -8.52
CA TYR A 114 42.43 -18.87 -7.79
C TYR A 114 42.29 -17.45 -8.34
N THR A 115 43.42 -16.78 -8.57
CA THR A 115 43.32 -15.40 -9.06
C THR A 115 42.85 -15.35 -10.51
N GLY A 116 43.17 -16.37 -11.31
CA GLY A 116 42.64 -16.42 -12.67
C GLY A 116 41.14 -16.61 -12.69
N ILE A 117 40.64 -17.52 -11.85
CA ILE A 117 39.20 -17.71 -11.77
C ILE A 117 38.54 -16.46 -11.19
N GLY A 118 39.23 -15.75 -10.29
CA GLY A 118 38.69 -14.51 -9.78
C GLY A 118 38.56 -13.44 -10.84
N ALA A 119 39.58 -13.29 -11.67
CA ALA A 119 39.51 -12.33 -12.77
C ALA A 119 38.44 -12.73 -13.78
N GLY A 120 38.35 -14.03 -14.08
CA GLY A 120 37.32 -14.50 -14.98
C GLY A 120 35.92 -14.19 -14.46
N VAL A 121 35.69 -14.41 -13.16
CA VAL A 121 34.41 -14.08 -12.56
C VAL A 121 34.18 -12.57 -12.58
N LEU A 122 35.24 -11.80 -12.34
CA LEU A 122 35.11 -10.35 -12.35
C LEU A 122 34.62 -9.84 -13.69
N ILE A 123 35.16 -10.38 -14.78
CA ILE A 123 34.67 -10.00 -16.11
C ILE A 123 33.27 -10.56 -16.35
N VAL A 124 33.06 -11.83 -16.02
CA VAL A 124 31.88 -12.56 -16.46
C VAL A 124 30.63 -12.07 -15.74
N ALA A 125 30.74 -11.78 -14.44
CA ALA A 125 29.56 -11.32 -13.69
C ALA A 125 29.04 -10.01 -14.26
N TYR A 126 29.95 -9.09 -14.60
CA TYR A 126 29.53 -7.85 -15.25
C TYR A 126 28.91 -8.15 -16.61
N ILE A 127 29.57 -8.99 -17.41
CA ILE A 127 29.06 -9.30 -18.74
C ILE A 127 27.66 -9.90 -18.65
N GLN A 128 27.35 -10.58 -17.55
CA GLN A 128 26.02 -11.15 -17.37
C GLN A 128 25.02 -10.09 -16.94
N VAL A 129 25.27 -9.46 -15.78
CA VAL A 129 24.27 -8.59 -15.18
C VAL A 129 24.04 -7.36 -16.05
N SER A 130 25.11 -6.72 -16.50
CA SER A 130 24.95 -5.50 -17.28
C SER A 130 24.19 -5.77 -18.57
N PHE A 131 24.52 -6.86 -19.27
CA PHE A 131 23.87 -7.14 -20.54
C PHE A 131 22.40 -7.51 -20.34
N TRP A 132 22.11 -8.35 -19.34
CA TRP A 132 20.72 -8.70 -19.08
C TRP A 132 19.91 -7.46 -18.72
N ALA A 133 20.45 -6.60 -17.87
CA ALA A 133 19.71 -5.41 -17.46
C ALA A 133 19.56 -4.41 -18.60
N LEU A 134 20.56 -4.30 -19.49
CA LEU A 134 20.41 -3.43 -20.64
C LEU A 134 19.32 -3.94 -21.59
N ALA A 135 19.30 -5.25 -21.83
CA ALA A 135 18.23 -5.80 -22.68
C ALA A 135 16.87 -5.58 -22.04
N ALA A 136 16.76 -5.79 -20.73
CA ALA A 136 15.50 -5.54 -20.04
C ALA A 136 15.10 -4.07 -20.13
N GLY A 137 16.06 -3.16 -19.97
CA GLY A 137 15.74 -1.75 -20.06
C GLY A 137 15.23 -1.34 -21.42
N ARG A 138 15.88 -1.81 -22.49
CA ARG A 138 15.38 -1.51 -23.83
C ARG A 138 14.00 -2.11 -24.05
N GLN A 139 13.80 -3.35 -23.62
CA GLN A 139 12.49 -3.99 -23.78
C GLN A 139 11.40 -3.22 -23.04
N ILE A 140 11.69 -2.79 -21.82
CA ILE A 140 10.70 -2.08 -21.02
C ILE A 140 10.41 -0.71 -21.63
N HIS A 141 11.43 -0.02 -22.13
CA HIS A 141 11.18 1.27 -22.76
C HIS A 141 10.26 1.10 -23.97
N LYS A 142 10.56 0.11 -24.83
CA LYS A 142 9.71 -0.12 -25.99
C LYS A 142 8.30 -0.51 -25.56
N ILE A 143 8.19 -1.39 -24.56
CA ILE A 143 6.88 -1.86 -24.12
C ILE A 143 6.05 -0.70 -23.59
N ARG A 144 6.64 0.14 -22.74
CA ARG A 144 5.89 1.24 -22.17
C ARG A 144 5.46 2.25 -23.23
N GLN A 145 6.38 2.61 -24.13
CA GLN A 145 6.03 3.59 -25.16
C GLN A 145 4.92 3.06 -26.06
N LYS A 146 5.05 1.83 -26.55
CA LYS A 146 4.03 1.32 -27.46
C LYS A 146 2.74 0.96 -26.72
N PHE A 147 2.83 0.65 -25.42
CA PHE A 147 1.63 0.44 -24.63
C PHE A 147 0.84 1.73 -24.48
N PHE A 148 1.53 2.84 -24.23
CA PHE A 148 0.82 4.12 -24.20
C PHE A 148 0.24 4.45 -25.57
N HIS A 149 0.99 4.14 -26.63
CA HIS A 149 0.46 4.37 -27.98
C HIS A 149 -0.81 3.55 -28.23
N ALA A 150 -0.84 2.31 -27.73
CA ALA A 150 -2.01 1.47 -27.95
C ALA A 150 -3.19 1.93 -27.10
N ILE A 151 -2.96 2.25 -25.83
CA ILE A 151 -4.06 2.66 -24.97
C ILE A 151 -4.63 3.98 -25.44
N MET A 152 -3.79 4.88 -25.95
CA MET A 152 -4.27 6.12 -26.53
C MET A 152 -4.84 5.94 -27.94
N ASN A 153 -5.10 4.70 -28.35
CA ASN A 153 -5.66 4.42 -29.66
C ASN A 153 -7.07 3.85 -29.60
N GLN A 154 -7.45 3.25 -28.48
CA GLN A 154 -8.72 2.54 -28.40
C GLN A 154 -9.89 3.53 -28.45
N GLU A 155 -11.05 3.01 -28.84
CA GLU A 155 -12.26 3.82 -28.94
C GLU A 155 -12.78 4.15 -27.53
N ILE A 156 -13.65 5.16 -27.48
CA ILE A 156 -14.13 5.67 -26.20
C ILE A 156 -15.01 4.64 -25.50
N GLY A 157 -15.71 3.80 -26.26
CA GLY A 157 -16.55 2.78 -25.64
C GLY A 157 -15.76 1.84 -24.75
N TRP A 158 -14.52 1.54 -25.14
CA TRP A 158 -13.65 0.72 -24.29
C TRP A 158 -13.42 1.40 -22.95
N PHE A 159 -13.16 2.71 -22.97
CA PHE A 159 -12.97 3.44 -21.72
C PHE A 159 -14.25 3.46 -20.88
N ASP A 160 -15.41 3.60 -21.53
CA ASP A 160 -16.66 3.53 -20.78
C ASP A 160 -16.85 2.16 -20.14
N VAL A 161 -16.50 1.09 -20.84
CA VAL A 161 -16.59 -0.25 -20.27
C VAL A 161 -15.63 -0.47 -19.11
N HIS A 162 -14.38 -0.05 -19.23
CA HIS A 162 -13.38 -0.26 -18.20
C HIS A 162 -13.30 0.96 -17.28
N ASP A 163 -12.31 0.93 -16.39
CA ASP A 163 -12.07 2.01 -15.46
C ASP A 163 -10.88 2.85 -15.92
N VAL A 164 -10.46 3.79 -15.07
CA VAL A 164 -9.37 4.70 -15.39
C VAL A 164 -8.24 4.62 -14.35
N GLY A 165 -8.60 4.70 -13.06
CA GLY A 165 -7.58 4.67 -12.02
C GLY A 165 -6.85 3.35 -11.97
N GLU A 166 -7.58 2.24 -12.02
CA GLU A 166 -6.93 0.93 -12.07
C GLU A 166 -6.12 0.78 -13.34
N LEU A 167 -6.59 1.37 -14.44
CA LEU A 167 -5.86 1.30 -15.70
C LEU A 167 -4.53 2.02 -15.60
N ASN A 168 -4.51 3.19 -14.96
CA ASN A 168 -3.26 3.94 -14.82
C ASN A 168 -2.31 3.26 -13.84
N THR A 169 -2.86 2.76 -12.72
CA THR A 169 -2.01 2.04 -11.74
C THR A 169 -1.45 0.79 -12.43
N ARG A 170 -2.19 0.24 -13.40
CA ARG A 170 -1.70 -0.92 -14.19
C ARG A 170 -0.51 -0.44 -15.03
N LEU A 171 -0.69 0.66 -15.77
CA LEU A 171 0.40 1.22 -16.57
C LEU A 171 1.65 1.42 -15.73
N THR A 172 1.49 1.89 -14.50
CA THR A 172 2.67 2.18 -13.68
C THR A 172 3.28 0.92 -13.08
N ASP A 173 2.46 -0.08 -12.77
CA ASP A 173 2.91 -1.22 -11.95
C ASP A 173 3.30 -2.43 -12.77
N ASP A 174 2.51 -2.81 -13.78
CA ASP A 174 2.82 -4.01 -14.54
C ASP A 174 4.12 -3.86 -15.30
N VAL A 175 4.40 -2.66 -15.80
CA VAL A 175 5.65 -2.40 -16.51
C VAL A 175 6.83 -2.61 -15.58
N SER A 176 6.74 -2.11 -14.34
CA SER A 176 7.81 -2.32 -13.37
C SER A 176 7.96 -3.79 -13.03
N LYS A 177 6.85 -4.52 -12.91
CA LYS A 177 6.91 -5.95 -12.65
C LYS A 177 7.67 -6.68 -13.74
N ILE A 178 7.30 -6.40 -15.00
CA ILE A 178 7.97 -7.02 -16.13
C ILE A 178 9.46 -6.67 -16.12
N ASN A 179 9.78 -5.40 -15.85
CA ASN A 179 11.18 -4.99 -15.79
C ASN A 179 11.95 -5.83 -14.80
N GLU A 180 11.53 -5.79 -13.53
CA GLU A 180 12.24 -6.51 -12.47
C GLU A 180 12.45 -7.97 -12.87
N GLY A 181 11.36 -8.63 -13.28
CA GLY A 181 11.45 -10.03 -13.64
C GLY A 181 12.42 -10.30 -14.77
N ILE A 182 12.05 -9.88 -16.00
CA ILE A 182 12.75 -10.32 -17.20
C ILE A 182 14.07 -9.58 -17.32
N GLY A 183 14.42 -8.83 -16.28
CA GLY A 183 15.79 -8.39 -16.06
C GLY A 183 16.47 -9.31 -15.07
N ASP A 184 16.44 -8.92 -13.80
CA ASP A 184 17.36 -9.53 -12.83
C ASP A 184 17.08 -11.02 -12.66
N LYS A 185 15.80 -11.42 -12.59
CA LYS A 185 15.54 -12.76 -12.10
C LYS A 185 15.83 -13.80 -13.17
N ILE A 186 15.48 -13.51 -14.42
CA ILE A 186 15.90 -14.40 -15.50
C ILE A 186 17.40 -14.30 -15.71
N GLY A 187 18.03 -13.19 -15.30
CA GLY A 187 19.48 -13.13 -15.36
C GLY A 187 20.14 -14.12 -14.42
N MET A 188 19.61 -14.23 -13.20
CA MET A 188 20.25 -15.05 -12.18
C MET A 188 19.75 -16.50 -12.15
N PHE A 189 18.60 -16.79 -12.77
CA PHE A 189 18.13 -18.17 -12.79
C PHE A 189 19.07 -19.07 -13.57
N PHE A 190 19.61 -18.56 -14.68
CA PHE A 190 20.55 -19.33 -15.46
C PHE A 190 21.84 -19.59 -14.68
N GLN A 191 22.31 -18.59 -13.92
CA GLN A 191 23.41 -18.82 -13.00
C GLN A 191 23.10 -19.95 -12.04
N ALA A 192 21.90 -19.95 -11.46
CA ALA A 192 21.56 -20.97 -10.46
C ALA A 192 21.57 -22.36 -11.08
N MET A 193 20.97 -22.51 -12.26
CA MET A 193 20.98 -23.83 -12.89
C MET A 193 22.37 -24.24 -13.35
N ALA A 194 23.19 -23.29 -13.80
CA ALA A 194 24.56 -23.63 -14.17
C ALA A 194 25.35 -24.13 -12.97
N THR A 195 25.20 -23.46 -11.82
CA THR A 195 25.87 -23.93 -10.61
C THR A 195 25.37 -25.31 -10.21
N PHE A 196 24.06 -25.54 -10.34
CA PHE A 196 23.49 -26.84 -10.00
C PHE A 196 24.11 -27.95 -10.85
N PHE A 197 24.09 -27.78 -12.18
CA PHE A 197 24.69 -28.77 -13.06
C PHE A 197 26.18 -28.95 -12.80
N GLY A 198 26.91 -27.85 -12.64
CA GLY A 198 28.35 -27.96 -12.43
C GLY A 198 28.68 -28.71 -11.16
N GLY A 199 27.99 -28.38 -10.06
CA GLY A 199 28.23 -29.06 -8.82
C GLY A 199 27.92 -30.54 -8.91
N PHE A 200 26.81 -30.89 -9.57
CA PHE A 200 26.46 -32.30 -9.64
C PHE A 200 27.40 -33.08 -10.55
N ILE A 201 27.88 -32.46 -11.64
CA ILE A 201 28.87 -33.12 -12.48
C ILE A 201 30.16 -33.35 -11.70
N ILE A 202 30.60 -32.34 -10.93
CA ILE A 202 31.81 -32.52 -10.13
C ILE A 202 31.63 -33.65 -9.14
N GLY A 203 30.48 -33.70 -8.47
CA GLY A 203 30.24 -34.76 -7.51
C GLY A 203 30.26 -36.14 -8.14
N PHE A 204 29.51 -36.30 -9.23
CA PHE A 204 29.44 -37.62 -9.86
C PHE A 204 30.76 -37.99 -10.53
N THR A 205 31.58 -37.01 -10.87
CA THR A 205 32.89 -37.29 -11.44
C THR A 205 33.92 -37.72 -10.41
N ARG A 206 33.89 -37.15 -9.20
CA ARG A 206 34.95 -37.45 -8.24
C ARG A 206 34.54 -38.38 -7.11
N GLY A 207 33.33 -38.28 -6.58
CA GLY A 207 32.96 -39.02 -5.39
C GLY A 207 31.66 -39.78 -5.48
N TRP A 208 31.42 -40.44 -6.61
CA TRP A 208 30.13 -41.06 -6.91
C TRP A 208 29.57 -41.91 -5.76
N LYS A 209 30.43 -42.43 -4.89
CA LYS A 209 29.93 -43.17 -3.73
C LYS A 209 29.36 -42.24 -2.67
N LEU A 210 30.05 -41.14 -2.39
CA LEU A 210 29.59 -40.20 -1.37
C LEU A 210 28.43 -39.34 -1.86
N THR A 211 28.41 -39.04 -3.16
CA THR A 211 27.37 -38.18 -3.70
C THR A 211 25.99 -38.80 -3.53
N LEU A 212 25.89 -40.12 -3.69
CA LEU A 212 24.59 -40.78 -3.55
C LEU A 212 24.06 -40.68 -2.13
N VAL A 213 24.89 -40.88 -1.12
CA VAL A 213 24.40 -40.79 0.26
C VAL A 213 24.06 -39.35 0.60
N ILE A 214 24.86 -38.41 0.07
CA ILE A 214 24.54 -36.97 0.29
C ILE A 214 23.21 -36.71 -0.42
N LEU A 215 23.01 -37.29 -1.61
CA LEU A 215 21.73 -37.13 -2.33
C LEU A 215 20.60 -37.72 -1.49
N ALA A 216 20.85 -38.84 -0.79
CA ALA A 216 19.82 -39.49 0.04
C ALA A 216 19.43 -38.59 1.22
N ILE A 217 20.39 -37.90 1.84
CA ILE A 217 20.08 -37.09 3.01
C ILE A 217 19.59 -35.68 2.66
N SER A 218 19.83 -35.22 1.43
CA SER A 218 19.46 -33.86 1.06
C SER A 218 17.95 -33.56 1.13
N PRO A 219 17.05 -34.40 0.57
CA PRO A 219 15.64 -33.99 0.55
C PRO A 219 15.01 -33.90 1.93
N VAL A 220 15.63 -34.52 2.94
CA VAL A 220 15.05 -34.50 4.29
C VAL A 220 14.98 -33.08 4.82
N LEU A 221 16.04 -32.28 4.58
CA LEU A 221 16.03 -30.90 5.04
C LEU A 221 14.90 -30.11 4.37
N GLY A 222 14.74 -30.26 3.06
CA GLY A 222 13.68 -29.56 2.37
C GLY A 222 12.30 -29.98 2.85
N LEU A 223 12.11 -31.28 3.07
CA LEU A 223 10.82 -31.77 3.54
C LEU A 223 10.51 -31.23 4.94
N SER A 224 11.51 -31.22 5.82
CA SER A 224 11.33 -30.67 7.16
C SER A 224 10.98 -29.19 7.11
N ALA A 225 11.69 -28.44 6.27
CA ALA A 225 11.42 -27.02 6.13
C ALA A 225 10.00 -26.81 5.63
N GLY A 226 9.58 -27.61 4.65
CA GLY A 226 8.24 -27.45 4.10
C GLY A 226 7.16 -27.76 5.12
N ILE A 227 7.31 -28.85 5.87
CA ILE A 227 6.27 -29.23 6.82
C ILE A 227 6.21 -28.21 7.97
N TRP A 228 7.37 -27.73 8.43
CA TRP A 228 7.37 -26.71 9.47
C TRP A 228 6.75 -25.41 8.96
N ALA A 229 7.02 -25.05 7.70
CA ALA A 229 6.42 -23.87 7.13
C ALA A 229 4.91 -24.01 7.02
N LYS A 230 4.42 -25.19 6.65
CA LYS A 230 2.98 -25.41 6.58
C LYS A 230 2.33 -25.29 7.95
N ILE A 231 2.96 -25.88 8.97
CA ILE A 231 2.41 -25.78 10.32
C ILE A 231 2.39 -24.33 10.77
N LEU A 232 3.47 -23.59 10.52
CA LEU A 232 3.53 -22.19 10.91
C LEU A 232 2.48 -21.37 10.19
N SER A 233 2.27 -21.65 8.90
CA SER A 233 1.25 -20.92 8.14
C SER A 233 -0.14 -21.18 8.69
N SER A 234 -0.45 -22.44 9.02
CA SER A 234 -1.74 -22.75 9.60
C SER A 234 -1.93 -22.04 10.93
N PHE A 235 -0.90 -22.05 11.78
CA PHE A 235 -1.01 -21.37 13.06
C PHE A 235 -1.19 -19.87 12.90
N THR A 236 -0.46 -19.27 11.95
CA THR A 236 -0.60 -17.84 11.71
C THR A 236 -2.00 -17.50 11.23
N ASP A 237 -2.56 -18.29 10.33
CA ASP A 237 -3.92 -18.03 9.86
C ASP A 237 -4.93 -18.16 10.99
N LYS A 238 -4.78 -19.19 11.82
CA LYS A 238 -5.69 -19.37 12.94
C LYS A 238 -5.60 -18.20 13.91
N GLU A 239 -4.38 -17.75 14.22
CA GLU A 239 -4.20 -16.61 15.12
C GLU A 239 -4.77 -15.34 14.50
N LEU A 240 -4.60 -15.15 13.20
CA LEU A 240 -5.13 -13.96 12.55
C LEU A 240 -6.65 -13.93 12.64
N HIS A 241 -7.31 -15.07 12.40
CA HIS A 241 -8.76 -15.11 12.54
C HIS A 241 -9.19 -14.87 13.98
N ALA A 242 -8.50 -15.50 14.93
CA ALA A 242 -8.86 -15.36 16.33
C ALA A 242 -8.73 -13.91 16.79
N TYR A 243 -7.68 -13.21 16.33
CA TYR A 243 -7.55 -11.81 16.68
C TYR A 243 -8.54 -10.93 15.92
N ALA A 244 -8.86 -11.25 14.67
CA ALA A 244 -9.84 -10.46 13.94
C ALA A 244 -11.20 -10.53 14.60
N LYS A 245 -11.49 -11.64 15.29
CA LYS A 245 -12.68 -11.71 16.13
C LYS A 245 -12.71 -10.55 17.12
N ALA A 246 -11.55 -10.20 17.69
CA ALA A 246 -11.44 -9.05 18.57
C ALA A 246 -11.41 -7.74 17.78
N GLY A 247 -10.80 -7.77 16.60
CA GLY A 247 -10.68 -6.57 15.80
C GLY A 247 -12.04 -6.04 15.38
N ALA A 248 -13.02 -6.93 15.27
CA ALA A 248 -14.38 -6.47 15.00
C ALA A 248 -14.86 -5.49 16.06
N VAL A 249 -14.76 -5.86 17.34
CA VAL A 249 -15.19 -4.95 18.40
C VAL A 249 -14.21 -3.80 18.57
N ALA A 250 -12.94 -3.99 18.17
CA ALA A 250 -12.01 -2.87 18.19
C ALA A 250 -12.45 -1.76 17.25
N GLU A 251 -12.75 -2.13 16.00
CA GLU A 251 -13.25 -1.17 15.02
C GLU A 251 -14.63 -0.63 15.39
N GLU A 252 -15.48 -1.47 15.99
CA GLU A 252 -16.84 -1.05 16.31
C GLU A 252 -16.87 0.13 17.27
N VAL A 253 -16.17 0.03 18.40
CA VAL A 253 -16.24 1.05 19.43
C VAL A 253 -15.25 2.19 19.19
N LEU A 254 -14.55 2.16 18.05
CA LEU A 254 -13.81 3.33 17.59
C LEU A 254 -14.55 4.07 16.49
N ALA A 255 -15.36 3.38 15.70
CA ALA A 255 -16.30 4.06 14.83
C ALA A 255 -17.47 4.65 15.60
N ALA A 256 -17.83 4.06 16.73
CA ALA A 256 -18.86 4.59 17.62
C ALA A 256 -18.27 5.42 18.75
N ILE A 257 -17.14 6.06 18.50
CA ILE A 257 -16.38 6.71 19.58
C ILE A 257 -17.18 7.85 20.21
N ARG A 258 -17.93 8.59 19.40
CA ARG A 258 -18.74 9.68 19.94
C ARG A 258 -19.75 9.15 20.96
N THR A 259 -20.46 8.08 20.61
CA THR A 259 -21.44 7.51 21.53
C THR A 259 -20.76 6.90 22.75
N VAL A 260 -19.62 6.25 22.57
CA VAL A 260 -18.91 5.65 23.71
C VAL A 260 -18.51 6.74 24.71
N ILE A 261 -17.92 7.83 24.20
CA ILE A 261 -17.50 8.92 25.09
C ILE A 261 -18.72 9.57 25.74
N ALA A 262 -19.79 9.77 24.98
CA ALA A 262 -20.98 10.39 25.55
C ALA A 262 -21.59 9.53 26.66
N PHE A 263 -21.60 8.21 26.47
CA PHE A 263 -22.22 7.33 27.45
C PHE A 263 -21.28 7.00 28.60
N GLY A 264 -19.99 7.28 28.45
CA GLY A 264 -19.04 7.16 29.54
C GLY A 264 -18.89 5.75 30.09
N GLY A 265 -18.73 4.77 29.21
CA GLY A 265 -18.59 3.40 29.64
C GLY A 265 -17.39 2.68 29.08
N GLN A 266 -16.27 3.39 28.90
CA GLN A 266 -15.09 2.82 28.26
C GLN A 266 -14.57 1.57 28.96
N LYS A 267 -14.87 1.42 30.26
CA LYS A 267 -14.36 0.28 31.02
C LYS A 267 -14.87 -1.03 30.44
N LYS A 268 -16.13 -1.07 30.03
CA LYS A 268 -16.69 -2.31 29.50
C LYS A 268 -16.00 -2.74 28.20
N GLU A 269 -15.76 -1.79 27.28
CA GLU A 269 -15.06 -2.14 26.05
C GLU A 269 -13.61 -2.50 26.32
N LEU A 270 -12.97 -1.85 27.28
CA LEU A 270 -11.62 -2.27 27.65
C LEU A 270 -11.63 -3.72 28.13
N GLU A 271 -12.60 -4.08 28.97
CA GLU A 271 -12.72 -5.44 29.46
C GLU A 271 -12.96 -6.42 28.32
N ARG A 272 -13.84 -6.05 27.37
CA ARG A 272 -14.15 -6.93 26.25
C ARG A 272 -12.92 -7.15 25.38
N TYR A 273 -12.17 -6.08 25.10
CA TYR A 273 -10.96 -6.21 24.30
C TYR A 273 -9.93 -7.09 25.00
N ASN A 274 -9.77 -6.92 26.31
CA ASN A 274 -8.82 -7.77 27.04
C ASN A 274 -9.25 -9.23 26.98
N ASN A 275 -10.53 -9.51 27.20
CA ASN A 275 -11.00 -10.89 27.15
C ASN A 275 -10.78 -11.50 25.77
N ASN A 276 -11.04 -10.72 24.73
CA ASN A 276 -10.87 -11.25 23.38
C ASN A 276 -9.40 -11.48 23.05
N LEU A 277 -8.52 -10.57 23.47
CA LEU A 277 -7.09 -10.75 23.23
C LEU A 277 -6.50 -11.88 24.02
N GLU A 278 -7.18 -12.33 25.09
CA GLU A 278 -6.68 -13.46 25.87
C GLU A 278 -6.45 -14.70 25.00
N GLU A 279 -7.23 -14.86 23.92
CA GLU A 279 -7.07 -15.99 23.02
C GLU A 279 -6.02 -15.74 21.94
N ALA A 280 -5.95 -14.50 21.44
CA ALA A 280 -4.95 -14.15 20.44
C ALA A 280 -3.55 -14.32 21.00
N LYS A 281 -3.33 -13.93 22.27
CA LYS A 281 -2.03 -14.13 22.89
C LYS A 281 -1.68 -15.61 22.96
N ARG A 282 -2.64 -16.45 23.35
CA ARG A 282 -2.36 -17.87 23.50
C ARG A 282 -2.05 -18.53 22.16
N LEU A 283 -2.73 -18.09 21.08
CA LEU A 283 -2.41 -18.66 19.77
C LEU A 283 -1.08 -18.13 19.24
N GLY A 284 -0.77 -16.86 19.49
CA GLY A 284 0.54 -16.34 19.11
C GLY A 284 1.68 -17.03 19.82
N ILE A 285 1.43 -17.50 21.06
CA ILE A 285 2.42 -18.29 21.76
C ILE A 285 2.78 -19.53 20.94
N LYS A 286 1.77 -20.27 20.49
CA LYS A 286 2.01 -21.46 19.68
C LYS A 286 2.70 -21.09 18.37
N LYS A 287 2.32 -19.97 17.78
CA LYS A 287 2.98 -19.53 16.55
C LYS A 287 4.48 -19.33 16.77
N ALA A 288 4.84 -18.61 17.84
CA ALA A 288 6.25 -18.36 18.12
C ALA A 288 7.00 -19.65 18.40
N ILE A 289 6.38 -20.56 19.18
CA ILE A 289 7.01 -21.84 19.47
C ILE A 289 7.28 -22.59 18.18
N THR A 290 6.29 -22.63 17.29
CA THR A 290 6.45 -23.35 16.03
C THR A 290 7.59 -22.76 15.20
N ALA A 291 7.65 -21.43 15.09
CA ALA A 291 8.69 -20.81 14.28
C ALA A 291 10.08 -21.12 14.84
N ASN A 292 10.25 -20.97 16.15
CA ASN A 292 11.57 -21.17 16.72
C ASN A 292 12.01 -22.63 16.69
N ILE A 293 11.08 -23.56 16.97
CA ILE A 293 11.46 -24.96 16.88
C ILE A 293 11.69 -25.36 15.42
N SER A 294 11.04 -24.66 14.47
CA SER A 294 11.35 -24.88 13.07
C SER A 294 12.79 -24.52 12.76
N MET A 295 13.24 -23.36 13.24
CA MET A 295 14.65 -23.00 13.04
C MET A 295 15.57 -24.00 13.73
N GLY A 296 15.17 -24.48 14.91
CA GLY A 296 15.96 -25.47 15.61
C GLY A 296 16.12 -26.76 14.83
N ALA A 297 15.02 -27.26 14.25
CA ALA A 297 15.11 -28.42 13.39
C ALA A 297 15.95 -28.14 12.14
N ALA A 298 15.84 -26.95 11.58
CA ALA A 298 16.65 -26.60 10.41
C ALA A 298 18.14 -26.66 10.72
N PHE A 299 18.51 -26.34 11.96
CA PHE A 299 19.93 -26.41 12.38
C PHE A 299 20.31 -27.86 12.66
N LEU A 300 19.44 -28.61 13.36
CA LEU A 300 19.77 -29.98 13.72
C LEU A 300 19.98 -30.85 12.49
N LEU A 301 19.12 -30.69 11.49
CA LEU A 301 19.28 -31.50 10.28
C LEU A 301 20.57 -31.19 9.55
N ILE A 302 20.95 -29.91 9.48
CA ILE A 302 22.22 -29.50 8.82
C ILE A 302 23.37 -30.18 9.57
N TYR A 303 23.40 -30.04 10.89
CA TYR A 303 24.49 -30.61 11.68
C TYR A 303 24.55 -32.14 11.52
N ALA A 304 23.40 -32.80 11.51
CA ALA A 304 23.39 -34.24 11.32
C ALA A 304 23.84 -34.61 9.91
N SER A 305 23.54 -33.75 8.93
CA SER A 305 24.02 -33.98 7.58
C SER A 305 25.54 -33.91 7.52
N TYR A 306 26.12 -32.93 8.22
CA TYR A 306 27.60 -32.85 8.29
C TYR A 306 28.13 -34.10 8.98
N ALA A 307 27.45 -34.55 10.04
CA ALA A 307 27.88 -35.75 10.76
C ALA A 307 27.90 -36.97 9.85
N LEU A 308 26.80 -37.22 9.15
CA LEU A 308 26.74 -38.38 8.25
C LEU A 308 27.74 -38.27 7.12
N ALA A 309 27.85 -37.09 6.51
CA ALA A 309 28.76 -36.93 5.38
C ALA A 309 30.19 -37.23 5.79
N PHE A 310 30.66 -36.63 6.89
CA PHE A 310 32.04 -36.88 7.27
C PHE A 310 32.24 -38.27 7.86
N TRP A 311 31.21 -38.86 8.48
CA TRP A 311 31.37 -40.25 8.92
C TRP A 311 31.59 -41.16 7.73
N TYR A 312 30.72 -41.09 6.73
CA TYR A 312 30.82 -41.93 5.55
C TYR A 312 32.00 -41.57 4.66
N GLY A 313 32.54 -40.37 4.81
CA GLY A 313 33.74 -40.00 4.08
C GLY A 313 35.00 -40.51 4.76
N THR A 314 35.05 -40.39 6.08
CA THR A 314 36.16 -40.92 6.86
C THR A 314 36.25 -42.43 6.76
N SER A 315 35.12 -43.13 6.73
CA SER A 315 35.18 -44.58 6.54
C SER A 315 35.85 -44.92 5.22
N LEU A 316 35.48 -44.20 4.15
CA LEU A 316 36.10 -44.45 2.85
C LEU A 316 37.58 -44.10 2.86
N VAL A 317 37.94 -42.99 3.51
CA VAL A 317 39.35 -42.58 3.55
C VAL A 317 40.18 -43.63 4.29
N ILE A 318 39.67 -44.14 5.41
CA ILE A 318 40.37 -45.20 6.11
C ILE A 318 40.43 -46.46 5.26
N SER A 319 39.39 -46.71 4.46
CA SER A 319 39.45 -47.82 3.50
C SER A 319 40.37 -47.54 2.32
N LYS A 320 41.12 -46.44 2.38
CA LYS A 320 42.11 -46.05 1.32
C LYS A 320 41.47 -45.97 -0.06
N GLU A 321 40.21 -45.57 -0.13
CA GLU A 321 39.55 -45.38 -1.41
C GLU A 321 39.60 -43.90 -1.83
N TYR A 322 39.05 -43.03 -1.01
CA TYR A 322 39.01 -41.59 -1.29
C TYR A 322 40.03 -40.87 -0.42
N SER A 323 40.57 -39.78 -0.94
CA SER A 323 41.39 -38.90 -0.12
C SER A 323 40.51 -37.85 0.57
N ILE A 324 41.09 -37.17 1.55
CA ILE A 324 40.35 -36.13 2.24
C ILE A 324 39.96 -35.00 1.29
N GLY A 325 40.84 -34.69 0.34
CA GLY A 325 40.49 -33.72 -0.68
C GLY A 325 39.32 -34.16 -1.53
N GLN A 326 39.27 -35.45 -1.89
CA GLN A 326 38.15 -35.96 -2.66
C GLN A 326 36.87 -35.99 -1.86
N VAL A 327 36.95 -36.16 -0.54
CA VAL A 327 35.74 -36.03 0.27
C VAL A 327 35.26 -34.59 0.31
N LEU A 328 36.16 -33.64 0.55
CA LEU A 328 35.77 -32.24 0.67
C LEU A 328 35.21 -31.69 -0.63
N THR A 329 35.92 -31.90 -1.75
CA THR A 329 35.50 -31.30 -3.02
C THR A 329 34.20 -31.90 -3.54
N VAL A 330 33.83 -33.08 -3.10
CA VAL A 330 32.57 -33.69 -3.49
C VAL A 330 31.44 -33.26 -2.59
N PHE A 331 31.67 -33.28 -1.27
CA PHE A 331 30.62 -32.88 -0.34
C PHE A 331 30.22 -31.43 -0.56
N PHE A 332 31.22 -30.53 -0.64
CA PHE A 332 30.89 -29.12 -0.82
C PHE A 332 30.22 -28.86 -2.16
N SER A 333 30.70 -29.53 -3.22
CA SER A 333 30.08 -29.37 -4.53
C SER A 333 28.62 -29.80 -4.51
N VAL A 334 28.33 -30.95 -3.89
CA VAL A 334 26.95 -31.44 -3.87
C VAL A 334 26.07 -30.51 -3.05
N CYS A 335 26.55 -30.06 -1.89
CA CYS A 335 25.70 -29.21 -1.05
C CYS A 335 25.45 -27.87 -1.73
N ILE A 336 26.45 -27.31 -2.42
CA ILE A 336 26.23 -26.04 -3.10
C ILE A 336 25.29 -26.21 -4.28
N GLY A 337 25.36 -27.35 -4.96
CA GLY A 337 24.40 -27.61 -6.03
C GLY A 337 22.97 -27.69 -5.52
N ALA A 338 22.76 -28.42 -4.43
CA ALA A 338 21.43 -28.50 -3.84
C ALA A 338 20.96 -27.15 -3.36
N PHE A 339 21.85 -26.37 -2.74
CA PHE A 339 21.49 -25.04 -2.28
C PHE A 339 21.10 -24.14 -3.44
N SER A 340 21.80 -24.21 -4.57
CA SER A 340 21.42 -23.39 -5.71
C SER A 340 20.06 -23.79 -6.27
N VAL A 341 19.82 -25.09 -6.47
CA VAL A 341 18.55 -25.50 -7.04
C VAL A 341 17.40 -25.17 -6.10
N GLY A 342 17.67 -25.13 -4.80
CA GLY A 342 16.66 -24.65 -3.87
C GLY A 342 16.54 -23.14 -3.82
N GLN A 343 17.61 -22.43 -4.18
CA GLN A 343 17.61 -20.98 -4.12
C GLN A 343 17.02 -20.34 -5.36
N ALA A 344 16.83 -21.09 -6.44
CA ALA A 344 16.21 -20.48 -7.62
C ALA A 344 14.69 -20.65 -7.62
N SER A 345 14.05 -20.38 -6.48
CA SER A 345 12.60 -20.21 -6.43
C SER A 345 12.16 -18.77 -6.75
N PRO A 346 12.76 -17.73 -6.13
CA PRO A 346 12.26 -16.37 -6.40
C PRO A 346 12.41 -15.94 -7.85
N ASN A 347 13.43 -16.44 -8.55
CA ASN A 347 13.62 -16.07 -9.94
C ASN A 347 12.60 -16.74 -10.85
N ILE A 348 11.87 -17.73 -10.34
CA ILE A 348 10.73 -18.26 -11.08
C ILE A 348 9.43 -17.60 -10.64
N GLU A 349 9.31 -17.27 -9.35
CA GLU A 349 8.14 -16.55 -8.89
C GLU A 349 8.02 -15.19 -9.57
N ALA A 350 9.13 -14.45 -9.66
CA ALA A 350 9.10 -13.14 -10.30
C ALA A 350 8.81 -13.27 -11.78
N PHE A 351 9.33 -14.31 -12.42
CA PHE A 351 9.01 -14.53 -13.84
C PHE A 351 7.54 -14.84 -14.03
N ALA A 352 6.95 -15.63 -13.13
CA ALA A 352 5.52 -15.91 -13.22
C ALA A 352 4.70 -14.64 -13.04
N ASN A 353 5.08 -13.80 -12.07
CA ASN A 353 4.37 -12.53 -11.89
C ASN A 353 4.50 -11.65 -13.12
N ALA A 354 5.70 -11.60 -13.70
CA ALA A 354 5.90 -10.82 -14.91
C ALA A 354 5.03 -11.33 -16.05
N ARG A 355 4.90 -12.65 -16.16
CA ARG A 355 4.04 -13.22 -17.19
C ARG A 355 2.58 -12.87 -16.95
N GLY A 356 2.13 -12.91 -15.69
CA GLY A 356 0.77 -12.53 -15.38
C GLY A 356 0.47 -11.08 -15.77
N ALA A 357 1.39 -10.17 -15.45
CA ALA A 357 1.18 -8.77 -15.84
C ALA A 357 1.28 -8.58 -17.34
N ALA A 358 2.24 -9.27 -17.98
CA ALA A 358 2.47 -9.10 -19.41
C ALA A 358 1.31 -9.61 -20.24
N TYR A 359 0.57 -10.61 -19.74
CA TYR A 359 -0.61 -11.07 -20.48
C TYR A 359 -1.59 -9.92 -20.70
N GLU A 360 -1.95 -9.22 -19.62
CA GLU A 360 -2.89 -8.11 -19.75
C GLU A 360 -2.28 -6.95 -20.53
N VAL A 361 -1.00 -6.62 -20.27
CA VAL A 361 -0.39 -5.50 -20.97
C VAL A 361 -0.37 -5.75 -22.47
N PHE A 362 -0.11 -7.00 -22.87
CA PHE A 362 -0.09 -7.35 -24.29
C PHE A 362 -1.49 -7.46 -24.87
N LYS A 363 -2.48 -7.90 -24.09
CA LYS A 363 -3.84 -7.97 -24.62
C LYS A 363 -4.41 -6.57 -24.84
N ILE A 364 -3.96 -5.58 -24.07
CA ILE A 364 -4.38 -4.21 -24.36
C ILE A 364 -3.84 -3.76 -25.71
N ILE A 365 -2.59 -4.08 -26.00
CA ILE A 365 -2.02 -3.85 -27.33
C ILE A 365 -2.63 -4.88 -28.27
N ASP A 366 -2.45 -4.66 -29.58
CA ASP A 366 -2.85 -5.60 -30.62
C ASP A 366 -4.38 -5.66 -30.68
N ASN A 367 -5.04 -4.85 -29.86
CA ASN A 367 -6.50 -4.78 -29.86
C ASN A 367 -6.92 -3.79 -30.94
N LYS A 368 -7.32 -4.31 -32.09
CA LYS A 368 -7.69 -3.46 -33.21
C LYS A 368 -8.99 -2.71 -32.91
N PRO A 369 -9.01 -1.39 -32.96
CA PRO A 369 -10.23 -0.65 -32.66
C PRO A 369 -11.11 -0.47 -33.90
N SER A 370 -12.41 -0.34 -33.64
CA SER A 370 -13.34 -0.04 -34.73
C SER A 370 -13.04 1.31 -35.35
N ILE A 371 -12.74 2.31 -34.51
CA ILE A 371 -12.32 3.62 -34.97
C ILE A 371 -10.83 3.76 -34.69
N ASP A 372 -10.04 3.91 -35.75
CA ASP A 372 -8.59 3.92 -35.60
C ASP A 372 -8.04 5.30 -35.29
N SER A 373 -8.46 6.32 -36.04
CA SER A 373 -7.97 7.69 -35.87
C SER A 373 -6.46 7.78 -36.14
N PHE A 374 -5.89 6.72 -36.70
CA PHE A 374 -4.49 6.71 -37.10
C PHE A 374 -4.26 6.26 -38.53
N SER A 375 -5.12 5.39 -39.07
CA SER A 375 -4.98 4.97 -40.45
C SER A 375 -5.25 6.14 -41.39
N LYS A 376 -4.45 6.23 -42.45
CA LYS A 376 -4.59 7.29 -43.43
C LYS A 376 -5.65 7.01 -44.47
N SER A 377 -6.29 5.84 -44.43
CA SER A 377 -7.35 5.52 -45.37
C SER A 377 -8.55 6.44 -45.17
N GLY A 378 -9.12 6.89 -46.28
CA GLY A 378 -10.25 7.80 -46.22
C GLY A 378 -10.22 8.86 -47.30
N HIS A 379 -11.35 9.08 -47.95
CA HIS A 379 -11.43 10.06 -49.03
C HIS A 379 -11.31 11.48 -48.48
N LYS A 380 -10.92 12.40 -49.35
CA LYS A 380 -10.68 13.79 -48.99
C LYS A 380 -11.66 14.70 -49.73
N PRO A 381 -12.84 14.96 -49.17
CA PRO A 381 -13.75 15.93 -49.79
C PRO A 381 -13.38 17.35 -49.39
N ASP A 382 -13.31 18.24 -50.39
CA ASP A 382 -12.93 19.63 -50.17
C ASP A 382 -14.08 20.54 -50.58
N ASN A 383 -14.13 21.72 -49.97
CA ASN A 383 -15.20 22.69 -50.19
C ASN A 383 -16.56 22.06 -49.91
N ILE A 384 -16.73 21.64 -48.65
CA ILE A 384 -17.90 20.89 -48.22
C ILE A 384 -18.93 21.85 -47.64
N GLN A 385 -20.20 21.47 -47.71
CA GLN A 385 -21.27 22.30 -47.17
C GLN A 385 -21.59 21.94 -45.73
N GLY A 386 -21.88 20.66 -45.47
CA GLY A 386 -22.19 20.22 -44.13
C GLY A 386 -23.67 20.01 -43.89
N ASN A 387 -24.36 19.38 -44.83
CA ASN A 387 -25.79 19.10 -44.70
C ASN A 387 -25.96 17.78 -43.94
N LEU A 388 -25.87 17.89 -42.61
CA LEU A 388 -25.98 16.71 -41.76
C LEU A 388 -27.37 16.11 -41.84
N GLU A 389 -27.45 14.80 -41.59
CA GLU A 389 -28.73 14.10 -41.65
C GLU A 389 -28.68 12.89 -40.72
N PHE A 390 -29.87 12.44 -40.33
CA PHE A 390 -30.03 11.27 -39.46
C PHE A 390 -31.22 10.47 -39.96
N LYS A 391 -31.04 9.15 -40.08
CA LYS A 391 -32.13 8.28 -40.53
C LYS A 391 -32.09 7.01 -39.68
N ASN A 392 -33.08 6.88 -38.78
CA ASN A 392 -33.26 5.67 -37.97
C ASN A 392 -31.98 5.32 -37.19
N ILE A 393 -31.59 6.24 -36.32
CA ILE A 393 -30.36 6.10 -35.55
C ILE A 393 -30.72 5.39 -34.25
N HIS A 394 -30.35 4.12 -34.14
CA HIS A 394 -30.57 3.34 -32.92
C HIS A 394 -29.23 3.12 -32.23
N PHE A 395 -29.18 3.40 -30.93
CA PHE A 395 -27.93 3.32 -30.20
C PHE A 395 -28.26 3.19 -28.71
N SER A 396 -27.49 2.35 -28.02
CA SER A 396 -27.56 2.23 -26.58
C SER A 396 -26.14 2.16 -26.03
N TYR A 397 -25.94 2.72 -24.85
CA TYR A 397 -24.59 2.82 -24.30
C TYR A 397 -24.04 1.45 -23.94
N PRO A 398 -22.86 1.08 -24.45
CA PRO A 398 -22.29 -0.23 -24.10
C PRO A 398 -22.04 -0.40 -22.61
N SER A 399 -21.92 0.71 -21.88
CA SER A 399 -21.82 0.62 -20.42
C SER A 399 -23.09 0.00 -19.84
N ARG A 400 -24.25 0.38 -20.34
CA ARG A 400 -25.53 -0.19 -19.93
C ARG A 400 -26.26 -0.62 -21.20
N LYS A 401 -25.96 -1.84 -21.66
CA LYS A 401 -26.54 -2.32 -22.91
C LYS A 401 -28.02 -2.64 -22.76
N GLU A 402 -28.46 -3.03 -21.56
CA GLU A 402 -29.85 -3.39 -21.36
C GLU A 402 -30.77 -2.19 -21.52
N VAL A 403 -30.28 -0.98 -21.28
CA VAL A 403 -31.07 0.23 -21.40
C VAL A 403 -30.85 0.80 -22.80
N GLN A 404 -31.94 0.90 -23.57
CA GLN A 404 -31.91 1.39 -24.94
C GLN A 404 -32.19 2.89 -24.91
N ILE A 405 -31.17 3.69 -25.19
CA ILE A 405 -31.30 5.15 -25.09
C ILE A 405 -32.02 5.71 -26.30
N LEU A 406 -31.55 5.37 -27.50
CA LEU A 406 -32.04 5.99 -28.73
C LEU A 406 -32.73 4.96 -29.62
N LYS A 407 -33.93 5.31 -30.08
CA LYS A 407 -34.82 4.44 -30.84
C LYS A 407 -35.16 5.05 -32.20
N GLY A 408 -34.13 5.52 -32.91
CA GLY A 408 -34.32 5.95 -34.27
C GLY A 408 -34.76 7.39 -34.42
N LEU A 409 -34.07 8.14 -35.28
CA LEU A 409 -34.41 9.53 -35.55
C LEU A 409 -34.32 9.78 -37.04
N ASN A 410 -35.21 10.64 -37.54
CA ASN A 410 -35.18 11.09 -38.92
C ASN A 410 -35.17 12.61 -38.97
N LEU A 411 -34.17 13.18 -39.64
CA LEU A 411 -33.94 14.61 -39.59
C LEU A 411 -32.94 14.99 -40.66
N LYS A 412 -33.12 16.18 -41.24
CA LYS A 412 -32.23 16.72 -42.25
C LYS A 412 -32.04 18.22 -42.01
N VAL A 413 -30.83 18.70 -42.22
CA VAL A 413 -30.49 20.11 -42.01
C VAL A 413 -29.89 20.67 -43.30
N LYS A 414 -29.86 22.00 -43.37
CA LYS A 414 -29.23 22.71 -44.47
C LYS A 414 -28.05 23.51 -43.93
N SER A 415 -27.03 23.68 -44.77
CA SER A 415 -25.83 24.40 -44.36
C SER A 415 -26.16 25.86 -44.06
N GLY A 416 -25.55 26.39 -43.00
CA GLY A 416 -25.80 27.74 -42.56
C GLY A 416 -26.99 27.92 -41.65
N GLN A 417 -27.72 26.85 -41.33
CA GLN A 417 -28.89 26.92 -40.48
C GLN A 417 -28.60 26.19 -39.18
N THR A 418 -28.72 26.89 -38.06
CA THR A 418 -28.47 26.29 -36.75
C THR A 418 -29.67 25.49 -36.29
N VAL A 419 -29.41 24.46 -35.49
CA VAL A 419 -30.46 23.58 -34.98
C VAL A 419 -30.36 23.53 -33.46
N ALA A 420 -31.47 23.79 -32.78
CA ALA A 420 -31.53 23.79 -31.32
C ALA A 420 -32.38 22.61 -30.85
N LEU A 421 -31.93 21.94 -29.80
CA LEU A 421 -32.66 20.85 -29.18
C LEU A 421 -32.98 21.22 -27.74
N VAL A 422 -34.24 21.01 -27.35
CA VAL A 422 -34.72 21.35 -26.01
C VAL A 422 -35.34 20.10 -25.40
N GLY A 423 -34.98 19.82 -24.16
CA GLY A 423 -35.52 18.68 -23.45
C GLY A 423 -34.81 18.49 -22.13
N ASN A 424 -35.18 17.41 -21.45
CA ASN A 424 -34.50 17.06 -20.20
C ASN A 424 -33.03 16.76 -20.45
N SER A 425 -32.74 16.00 -21.51
CA SER A 425 -31.37 15.72 -21.91
C SER A 425 -31.38 15.25 -23.36
N GLY A 426 -30.23 15.37 -24.01
CA GLY A 426 -30.10 14.92 -25.37
C GLY A 426 -29.88 13.42 -25.47
N GLY A 427 -30.88 12.64 -25.08
CA GLY A 427 -30.75 11.20 -25.06
C GLY A 427 -29.76 10.76 -24.00
N GLY A 428 -30.12 10.94 -22.74
CA GLY A 428 -29.21 10.67 -21.65
C GLY A 428 -28.32 11.86 -21.38
N LYS A 429 -27.31 12.07 -22.24
CA LYS A 429 -26.53 13.31 -22.21
C LYS A 429 -25.95 13.51 -23.61
N SER A 430 -26.64 14.34 -24.40
CA SER A 430 -26.19 14.75 -25.73
C SER A 430 -25.69 13.56 -26.56
N THR A 431 -26.57 12.57 -26.70
CA THR A 431 -26.21 11.37 -27.46
C THR A 431 -25.91 11.70 -28.91
N THR A 432 -26.71 12.58 -29.52
CA THR A 432 -26.45 13.00 -30.90
C THR A 432 -25.08 13.68 -31.01
N VAL A 433 -24.71 14.46 -29.99
CA VAL A 433 -23.38 15.06 -29.97
C VAL A 433 -22.31 13.98 -29.89
N GLN A 434 -22.51 12.98 -29.03
CA GLN A 434 -21.51 11.93 -28.88
C GLN A 434 -21.30 11.16 -30.18
N LEU A 435 -22.39 10.81 -30.87
CA LEU A 435 -22.27 10.03 -32.08
C LEU A 435 -21.78 10.85 -33.28
N MET A 436 -21.71 12.17 -33.15
CA MET A 436 -21.33 13.00 -34.29
C MET A 436 -19.88 12.78 -34.70
N GLN A 437 -18.98 12.71 -33.73
CA GLN A 437 -17.54 12.65 -34.00
C GLN A 437 -16.99 11.23 -33.91
N ARG A 438 -17.79 10.23 -34.31
CA ARG A 438 -17.37 8.83 -34.30
C ARG A 438 -16.93 8.36 -32.92
N LEU A 439 -17.37 9.07 -31.87
CA LEU A 439 -17.04 8.64 -30.52
C LEU A 439 -17.69 7.31 -30.18
N TYR A 440 -18.80 6.99 -30.84
CA TYR A 440 -19.44 5.69 -30.69
C TYR A 440 -19.78 5.10 -32.06
N ASP A 441 -20.48 3.98 -32.07
CA ASP A 441 -20.86 3.32 -33.32
C ASP A 441 -22.37 3.13 -33.35
N PRO A 442 -23.07 3.80 -34.25
CA PRO A 442 -24.53 3.64 -34.35
C PRO A 442 -24.90 2.24 -34.83
N LEU A 443 -26.07 1.80 -34.39
CA LEU A 443 -26.62 0.49 -34.74
C LEU A 443 -27.72 0.69 -35.77
N ASP A 444 -27.47 0.19 -36.99
CA ASP A 444 -28.41 0.24 -38.11
C ASP A 444 -28.68 1.66 -38.59
N GLY A 445 -28.09 2.67 -37.96
CA GLY A 445 -28.29 4.04 -38.36
C GLY A 445 -27.36 4.47 -39.49
N MET A 446 -27.80 5.48 -40.23
CA MET A 446 -27.02 6.04 -41.33
C MET A 446 -26.97 7.55 -41.18
N VAL A 447 -25.76 8.10 -41.23
CA VAL A 447 -25.54 9.54 -41.15
C VAL A 447 -24.55 9.95 -42.23
N SER A 448 -24.82 11.08 -42.88
CA SER A 448 -23.98 11.56 -43.96
C SER A 448 -23.87 13.08 -43.87
N ILE A 449 -22.64 13.58 -43.79
CA ILE A 449 -22.43 15.02 -43.70
C ILE A 449 -22.78 15.70 -45.02
N ASP A 450 -22.41 15.10 -46.15
CA ASP A 450 -22.73 15.63 -47.47
C ASP A 450 -23.15 14.50 -48.40
N GLY A 451 -24.00 13.60 -47.92
CA GLY A 451 -24.40 12.44 -48.70
C GLY A 451 -23.45 11.28 -48.65
N GLN A 452 -22.34 11.39 -47.91
CA GLN A 452 -21.38 10.32 -47.75
C GLN A 452 -21.34 9.90 -46.28
N ASP A 453 -21.42 8.59 -46.03
CA ASP A 453 -21.43 8.09 -44.67
C ASP A 453 -20.11 8.43 -43.97
N ILE A 454 -20.20 8.68 -42.66
CA ILE A 454 -19.01 9.05 -41.90
C ILE A 454 -18.10 7.87 -41.62
N ARG A 455 -18.44 6.67 -42.10
CA ARG A 455 -17.54 5.53 -41.94
C ARG A 455 -16.37 5.62 -42.92
N THR A 456 -16.63 6.11 -44.14
CA THR A 456 -15.58 6.14 -45.16
C THR A 456 -14.62 7.31 -44.92
N ILE A 457 -15.12 8.43 -44.40
CA ILE A 457 -14.29 9.61 -44.22
C ILE A 457 -13.20 9.34 -43.19
N ASN A 458 -12.05 9.98 -43.38
CA ASN A 458 -10.95 9.84 -42.44
C ASN A 458 -11.34 10.35 -41.06
N VAL A 459 -11.00 9.57 -40.04
CA VAL A 459 -11.38 9.90 -38.67
C VAL A 459 -10.78 11.23 -38.25
N ARG A 460 -9.48 11.41 -38.50
CA ARG A 460 -8.80 12.64 -38.11
C ARG A 460 -9.40 13.85 -38.83
N TYR A 461 -9.68 13.70 -40.13
CA TYR A 461 -10.26 14.79 -40.91
C TYR A 461 -11.62 15.19 -40.36
N LEU A 462 -12.45 14.18 -40.05
CA LEU A 462 -13.76 14.46 -39.45
C LEU A 462 -13.60 15.13 -38.09
N ARG A 463 -12.65 14.66 -37.28
CA ARG A 463 -12.47 15.23 -35.94
C ARG A 463 -12.06 16.69 -36.03
N GLU A 464 -11.17 17.02 -36.96
CA GLU A 464 -10.68 18.40 -37.04
C GLU A 464 -11.63 19.31 -37.80
N ILE A 465 -12.61 18.77 -38.53
CA ILE A 465 -13.65 19.62 -39.12
C ILE A 465 -14.89 19.75 -38.24
N ILE A 466 -14.92 19.12 -37.08
CA ILE A 466 -16.04 19.22 -36.15
C ILE A 466 -15.53 19.88 -34.87
N GLY A 467 -16.17 20.97 -34.48
CA GLY A 467 -15.84 21.66 -33.24
C GLY A 467 -16.83 21.28 -32.15
N VAL A 468 -16.29 20.93 -30.98
CA VAL A 468 -17.09 20.49 -29.86
C VAL A 468 -16.58 21.17 -28.59
N VAL A 469 -17.50 21.69 -27.80
CA VAL A 469 -17.20 22.31 -26.52
C VAL A 469 -17.88 21.50 -25.42
N SER A 470 -17.11 21.14 -24.40
CA SER A 470 -17.63 20.32 -23.32
C SER A 470 -18.40 21.17 -22.31
N GLN A 471 -19.28 20.50 -21.56
CA GLN A 471 -20.04 21.20 -20.53
C GLN A 471 -19.12 21.73 -19.43
N GLU A 472 -18.09 20.96 -19.08
CA GLU A 472 -17.07 21.41 -18.14
C GLU A 472 -15.73 21.45 -18.86
N PRO A 473 -15.23 22.63 -19.21
CA PRO A 473 -14.04 22.72 -20.06
C PRO A 473 -12.73 22.42 -19.32
N VAL A 474 -12.36 21.14 -19.25
CA VAL A 474 -11.06 20.80 -18.68
C VAL A 474 -9.95 21.42 -19.51
N LEU A 475 -8.92 21.90 -18.82
CA LEU A 475 -7.68 22.35 -19.44
C LEU A 475 -6.53 21.46 -18.96
N PHE A 476 -5.33 21.78 -19.44
CA PHE A 476 -4.14 21.02 -19.13
C PHE A 476 -3.19 21.89 -18.33
N ALA A 477 -2.38 21.26 -17.47
CA ALA A 477 -1.45 22.03 -16.61
C ALA A 477 -0.36 22.64 -17.49
N THR A 478 -0.70 23.60 -18.32
CA THR A 478 0.21 24.23 -19.26
C THR A 478 -0.30 25.64 -19.54
N THR A 479 0.56 26.45 -20.16
CA THR A 479 0.22 27.85 -20.42
C THR A 479 -0.90 27.96 -21.45
N ILE A 480 -1.54 29.13 -21.43
CA ILE A 480 -2.58 29.43 -22.41
C ILE A 480 -2.05 29.36 -23.83
N ALA A 481 -0.76 29.66 -24.04
CA ALA A 481 -0.19 29.55 -25.37
C ALA A 481 -0.35 28.15 -25.93
N GLU A 482 0.08 27.13 -25.19
CA GLU A 482 -0.05 25.76 -25.71
C GLU A 482 -1.49 25.28 -25.62
N ASN A 483 -2.26 25.77 -24.65
CA ASN A 483 -3.68 25.40 -24.59
C ASN A 483 -4.40 25.81 -25.86
N ILE A 484 -4.12 27.02 -26.35
CA ILE A 484 -4.62 27.44 -27.66
C ILE A 484 -3.95 26.64 -28.77
N ARG A 485 -2.66 26.33 -28.60
CA ARG A 485 -1.91 25.62 -29.64
C ARG A 485 -2.51 24.25 -29.92
N TYR A 486 -3.14 23.67 -28.90
CA TYR A 486 -3.73 22.31 -29.04
C TYR A 486 -5.03 22.44 -29.81
N GLY A 487 -5.32 23.65 -30.26
CA GLY A 487 -6.52 23.80 -31.11
C GLY A 487 -6.30 23.01 -32.38
N ARG A 488 -5.29 23.40 -33.15
CA ARG A 488 -4.95 22.61 -34.35
C ARG A 488 -3.44 22.62 -34.47
N GLU A 489 -2.94 22.80 -35.69
CA GLU A 489 -1.47 22.89 -35.83
C GLU A 489 -1.08 24.23 -35.23
N ASP A 490 -0.22 24.24 -34.20
CA ASP A 490 0.27 25.54 -33.71
C ASP A 490 0.95 26.23 -34.89
N VAL A 491 0.34 27.31 -35.40
CA VAL A 491 0.93 27.95 -36.60
C VAL A 491 1.47 29.33 -36.20
N THR A 492 1.63 30.24 -37.16
CA THR A 492 2.18 31.60 -36.89
C THR A 492 1.62 32.11 -35.56
N MET A 493 2.48 32.44 -34.61
CA MET A 493 1.98 32.82 -33.29
C MET A 493 1.15 34.08 -33.37
N ASP A 494 1.53 35.02 -34.24
CA ASP A 494 0.71 36.20 -34.46
C ASP A 494 -0.65 35.82 -35.04
N GLU A 495 -0.67 34.86 -35.97
CA GLU A 495 -1.94 34.41 -36.54
C GLU A 495 -2.83 33.76 -35.49
N ILE A 496 -2.27 32.93 -34.63
CA ILE A 496 -3.09 32.28 -33.62
C ILE A 496 -3.56 33.30 -32.57
N GLU A 497 -2.73 34.31 -32.28
CA GLU A 497 -3.20 35.39 -31.41
C GLU A 497 -4.36 36.14 -32.05
N LYS A 498 -4.26 36.43 -33.35
CA LYS A 498 -5.37 37.07 -34.07
C LYS A 498 -6.62 36.20 -34.02
N ALA A 499 -6.45 34.88 -34.05
CA ALA A 499 -7.59 33.98 -33.85
C ALA A 499 -8.16 34.15 -32.44
N VAL A 500 -7.28 34.30 -31.44
CA VAL A 500 -7.72 34.54 -30.07
C VAL A 500 -8.40 35.90 -29.90
N LYS A 501 -8.20 36.83 -30.84
CA LYS A 501 -8.72 38.20 -30.74
C LYS A 501 -10.25 38.27 -30.68
N GLU A 502 -11.00 37.17 -30.66
CA GLU A 502 -12.46 37.24 -30.56
C GLU A 502 -12.88 37.85 -29.21
N ALA A 503 -14.19 37.93 -29.01
CA ALA A 503 -14.74 38.60 -27.84
C ALA A 503 -14.24 37.97 -26.54
N ASN A 504 -14.37 38.75 -25.46
CA ASN A 504 -13.89 38.36 -24.13
C ASN A 504 -12.39 38.12 -24.12
N ALA A 505 -11.65 38.88 -24.94
CA ALA A 505 -10.20 38.88 -24.94
C ALA A 505 -9.69 40.28 -24.62
N TYR A 506 -8.37 40.41 -24.54
CA TYR A 506 -7.64 41.64 -24.27
C TYR A 506 -7.85 42.14 -22.84
N ASP A 507 -8.72 41.51 -22.05
CA ASP A 507 -8.96 41.91 -20.68
C ASP A 507 -8.67 40.79 -19.68
N PHE A 508 -9.19 39.59 -19.94
CA PHE A 508 -8.95 38.44 -19.07
C PHE A 508 -7.74 37.63 -19.48
N ILE A 509 -7.03 38.04 -20.54
CA ILE A 509 -5.88 37.32 -21.05
C ILE A 509 -4.58 38.11 -20.92
N MET A 510 -4.65 39.35 -20.44
CA MET A 510 -3.44 40.15 -20.29
C MET A 510 -3.30 40.75 -18.89
N LYS A 511 -4.42 41.10 -18.25
CA LYS A 511 -4.37 41.75 -16.95
C LYS A 511 -3.71 40.86 -15.90
N LEU A 512 -4.38 39.77 -15.54
CA LEU A 512 -3.81 38.78 -14.63
C LEU A 512 -2.83 37.84 -15.34
N PRO A 513 -3.15 37.31 -16.52
CA PRO A 513 -2.25 36.34 -17.17
C PRO A 513 -0.91 36.90 -17.60
N HIS A 514 -0.61 38.17 -17.34
CA HIS A 514 0.67 38.79 -17.71
C HIS A 514 0.90 38.73 -19.22
N GLN A 515 -0.19 38.66 -19.99
CA GLN A 515 -0.20 38.74 -21.45
C GLN A 515 0.37 37.48 -22.09
N PHE A 516 0.96 36.58 -21.30
CA PHE A 516 1.62 35.41 -21.85
C PHE A 516 2.11 34.55 -20.69
N ASP A 517 2.24 33.24 -20.95
CA ASP A 517 2.75 32.28 -19.97
C ASP A 517 1.92 32.30 -18.68
N THR A 518 0.64 31.95 -18.80
CA THR A 518 -0.21 31.88 -17.62
C THR A 518 0.08 30.64 -16.79
N LEU A 519 0.24 29.48 -17.45
CA LEU A 519 0.43 28.18 -16.76
C LEU A 519 -0.83 27.85 -15.97
N VAL A 520 -1.98 27.82 -16.64
CA VAL A 520 -3.25 27.59 -15.96
C VAL A 520 -3.37 26.12 -15.60
N GLY A 521 -3.93 25.83 -14.43
CA GLY A 521 -4.15 24.43 -14.02
C GLY A 521 -4.75 24.40 -12.64
N GLU A 522 -5.25 23.25 -12.21
CA GLU A 522 -5.78 23.12 -10.82
C GLU A 522 -4.72 23.65 -9.86
N ARG A 523 -3.46 23.22 -10.07
CA ARG A 523 -2.37 23.65 -9.15
C ARG A 523 -1.64 24.84 -9.76
N GLY A 524 -1.98 26.06 -9.35
CA GLY A 524 -1.24 27.25 -9.81
C GLY A 524 -1.96 28.04 -10.88
N ALA A 525 -2.00 29.38 -10.74
CA ALA A 525 -2.75 30.16 -11.72
C ALA A 525 -4.13 29.55 -11.98
N GLN A 526 -4.80 29.16 -10.91
CA GLN A 526 -6.15 28.59 -11.01
C GLN A 526 -7.15 29.69 -11.36
N LEU A 527 -7.98 29.43 -12.35
CA LEU A 527 -8.97 30.39 -12.83
C LEU A 527 -10.37 29.86 -12.55
N SER A 528 -11.37 30.62 -13.02
CA SER A 528 -12.77 30.29 -12.79
C SER A 528 -13.40 29.73 -14.07
N GLY A 529 -14.57 29.11 -13.89
CA GLY A 529 -15.29 28.52 -15.00
C GLY A 529 -15.71 29.52 -16.06
N GLY A 530 -16.01 30.76 -15.66
CA GLY A 530 -16.39 31.77 -16.64
C GLY A 530 -15.30 32.02 -17.66
N GLN A 531 -14.05 32.00 -17.23
CA GLN A 531 -12.92 32.15 -18.15
C GLN A 531 -12.50 30.83 -18.77
N LYS A 532 -12.69 29.71 -18.08
CA LYS A 532 -12.36 28.41 -18.66
C LYS A 532 -13.24 28.12 -19.86
N GLN A 533 -14.53 28.43 -19.77
CA GLN A 533 -15.41 28.27 -20.92
C GLN A 533 -14.96 29.13 -22.08
N ARG A 534 -14.59 30.38 -21.81
CA ARG A 534 -14.17 31.27 -22.89
C ARG A 534 -12.88 30.78 -23.54
N ILE A 535 -11.92 30.32 -22.75
CA ILE A 535 -10.66 29.87 -23.35
C ILE A 535 -10.89 28.58 -24.15
N ALA A 536 -11.79 27.71 -23.67
CA ALA A 536 -12.15 26.53 -24.47
C ALA A 536 -12.80 26.93 -25.78
N ILE A 537 -13.68 27.94 -25.76
CA ILE A 537 -14.32 28.41 -26.98
C ILE A 537 -13.28 28.96 -27.94
N ALA A 538 -12.33 29.74 -27.41
CA ALA A 538 -11.27 30.27 -28.26
C ALA A 538 -10.45 29.14 -28.88
N ARG A 539 -10.14 28.11 -28.09
CA ARG A 539 -9.44 26.95 -28.61
C ARG A 539 -10.22 26.28 -29.73
N ALA A 540 -11.55 26.14 -29.55
CA ALA A 540 -12.38 25.54 -30.58
C ALA A 540 -12.37 26.37 -31.86
N LEU A 541 -12.47 27.70 -31.71
CA LEU A 541 -12.43 28.57 -32.88
C LEU A 541 -11.08 28.58 -33.58
N VAL A 542 -10.00 28.29 -32.85
CA VAL A 542 -8.68 28.18 -33.50
C VAL A 542 -8.70 27.09 -34.56
N ARG A 543 -9.38 25.97 -34.27
CA ARG A 543 -9.44 24.86 -35.22
C ARG A 543 -10.18 25.23 -36.51
N ASN A 544 -10.95 26.32 -36.49
CA ASN A 544 -11.77 26.73 -37.63
C ASN A 544 -12.70 25.60 -38.08
N PRO A 545 -13.60 25.13 -37.22
CA PRO A 545 -14.44 23.99 -37.58
C PRO A 545 -15.49 24.37 -38.62
N LYS A 546 -15.94 23.35 -39.36
CA LYS A 546 -17.02 23.52 -40.31
C LYS A 546 -18.39 23.36 -39.67
N ILE A 547 -18.53 22.43 -38.73
CA ILE A 547 -19.77 22.19 -38.01
C ILE A 547 -19.47 22.26 -36.52
N LEU A 548 -20.27 23.06 -35.79
CA LEU A 548 -20.03 23.31 -34.38
C LEU A 548 -21.14 22.69 -33.54
N LEU A 549 -20.77 22.20 -32.36
CA LEU A 549 -21.70 21.56 -31.44
C LEU A 549 -21.59 22.23 -30.07
N LEU A 550 -22.73 22.59 -29.50
CA LEU A 550 -22.81 23.26 -28.22
C LEU A 550 -23.54 22.38 -27.22
N ASP A 551 -22.97 22.23 -26.03
CA ASP A 551 -23.57 21.41 -24.98
C ASP A 551 -23.34 22.08 -23.64
N GLU A 552 -24.41 22.61 -23.04
CA GLU A 552 -24.40 23.13 -21.68
C GLU A 552 -23.31 24.20 -21.50
N ALA A 553 -23.51 25.30 -22.22
CA ALA A 553 -22.53 26.38 -22.20
C ALA A 553 -22.33 26.94 -20.80
N THR A 554 -23.42 27.07 -20.03
CA THR A 554 -23.38 27.62 -18.68
C THR A 554 -24.01 26.66 -17.69
N SER A 555 -23.62 25.39 -17.77
CA SER A 555 -24.14 24.38 -16.85
C SER A 555 -23.67 24.68 -15.43
N ALA A 556 -24.59 25.15 -14.60
CA ALA A 556 -24.31 25.52 -13.21
C ALA A 556 -23.25 26.61 -13.11
N LEU A 557 -23.18 27.47 -14.11
CA LEU A 557 -22.27 28.61 -14.09
C LEU A 557 -22.95 29.82 -13.46
N ASP A 558 -22.12 30.75 -12.99
CA ASP A 558 -22.64 31.98 -12.40
C ASP A 558 -23.28 32.86 -13.48
N THR A 559 -24.38 33.51 -13.12
CA THR A 559 -25.07 34.37 -14.08
C THR A 559 -24.27 35.61 -14.43
N GLU A 560 -23.28 35.97 -13.59
CA GLU A 560 -22.45 37.13 -13.90
C GLU A 560 -21.64 36.90 -15.17
N SER A 561 -21.06 35.70 -15.32
CA SER A 561 -20.30 35.37 -16.52
C SER A 561 -21.19 35.20 -17.75
N GLU A 562 -22.51 35.13 -17.56
CA GLU A 562 -23.46 34.99 -18.66
C GLU A 562 -23.54 36.31 -19.43
N ALA A 563 -24.16 36.25 -20.62
CA ALA A 563 -24.43 37.40 -21.49
C ALA A 563 -23.17 37.88 -22.19
N VAL A 564 -22.03 37.24 -21.92
CA VAL A 564 -20.81 37.45 -22.67
C VAL A 564 -20.37 36.19 -23.40
N VAL A 565 -20.40 35.05 -22.70
CA VAL A 565 -20.14 33.78 -23.36
C VAL A 565 -21.19 33.51 -24.44
N GLN A 566 -22.44 33.89 -24.19
CA GLN A 566 -23.47 33.77 -25.22
C GLN A 566 -23.17 34.66 -26.41
N ALA A 567 -22.68 35.87 -26.18
CA ALA A 567 -22.32 36.74 -27.29
C ALA A 567 -21.20 36.14 -28.11
N ALA A 568 -20.18 35.59 -27.45
CA ALA A 568 -19.09 34.93 -28.16
C ALA A 568 -19.59 33.74 -28.96
N LEU A 569 -20.47 32.94 -28.37
CA LEU A 569 -21.03 31.80 -29.08
C LEU A 569 -21.84 32.25 -30.29
N ASP A 570 -22.61 33.32 -30.16
CA ASP A 570 -23.38 33.81 -31.30
C ASP A 570 -22.48 34.33 -32.40
N LYS A 571 -21.42 35.07 -32.05
CA LYS A 571 -20.53 35.60 -33.08
C LYS A 571 -19.70 34.51 -33.73
N ALA A 572 -19.47 33.38 -33.04
CA ALA A 572 -18.92 32.21 -33.71
C ALA A 572 -19.98 31.49 -34.54
N ARG A 573 -21.25 31.59 -34.11
CA ARG A 573 -22.35 30.92 -34.79
C ARG A 573 -22.63 31.55 -36.15
N GLU A 574 -22.45 32.86 -36.27
CA GLU A 574 -22.80 33.55 -37.51
C GLU A 574 -21.99 33.05 -38.69
N GLY A 575 -20.87 32.36 -38.45
CA GLY A 575 -20.04 31.86 -39.52
C GLY A 575 -20.44 30.50 -40.06
N ARG A 576 -20.55 29.50 -39.19
CA ARG A 576 -20.72 28.11 -39.60
C ARG A 576 -21.97 27.52 -38.96
N THR A 577 -22.42 26.41 -39.53
CA THR A 577 -23.58 25.69 -39.02
C THR A 577 -23.28 25.07 -37.66
N THR A 578 -24.26 25.09 -36.77
CA THR A 578 -24.07 24.53 -35.45
C THR A 578 -25.36 23.90 -34.93
N ILE A 579 -25.18 22.97 -34.00
CA ILE A 579 -26.27 22.33 -33.28
C ILE A 579 -26.05 22.55 -31.79
N VAL A 580 -27.04 23.11 -31.12
CA VAL A 580 -26.95 23.50 -29.71
C VAL A 580 -27.96 22.70 -28.91
N ILE A 581 -27.51 22.20 -27.75
CA ILE A 581 -28.37 21.59 -26.75
C ILE A 581 -28.04 22.25 -25.42
N ALA A 582 -29.02 22.95 -24.84
CA ALA A 582 -28.80 23.67 -23.60
C ALA A 582 -30.10 23.80 -22.84
N HIS A 583 -29.99 23.83 -21.51
CA HIS A 583 -31.16 24.00 -20.66
C HIS A 583 -31.67 25.44 -20.66
N ARG A 584 -30.77 26.42 -20.80
CA ARG A 584 -31.17 27.81 -20.77
C ARG A 584 -32.00 28.16 -21.99
N LEU A 585 -33.03 28.97 -21.78
CA LEU A 585 -33.96 29.35 -22.85
C LEU A 585 -33.46 30.52 -23.68
N SER A 586 -32.43 31.23 -23.24
CA SER A 586 -31.91 32.36 -24.02
C SER A 586 -31.36 31.89 -25.36
N THR A 587 -30.53 30.85 -25.36
CA THR A 587 -30.02 30.32 -26.62
C THR A 587 -31.13 29.72 -27.46
N VAL A 588 -32.17 29.17 -26.81
CA VAL A 588 -33.32 28.65 -27.54
C VAL A 588 -34.01 29.77 -28.30
N ARG A 589 -34.23 30.88 -27.61
CA ARG A 589 -34.87 32.04 -28.28
C ARG A 589 -33.96 32.50 -29.42
N ASN A 590 -32.65 32.61 -29.15
CA ASN A 590 -31.72 33.11 -30.16
C ASN A 590 -31.72 32.22 -31.40
N ALA A 591 -31.89 30.92 -31.21
CA ALA A 591 -31.85 29.98 -32.34
C ALA A 591 -33.12 30.11 -33.18
N ASP A 592 -32.94 30.17 -34.50
CA ASP A 592 -34.08 30.29 -35.41
C ASP A 592 -34.84 28.97 -35.56
N VAL A 593 -34.10 27.86 -35.74
CA VAL A 593 -34.73 26.53 -35.98
C VAL A 593 -34.59 25.64 -34.74
N ILE A 594 -35.69 25.08 -34.23
CA ILE A 594 -35.59 24.32 -32.94
C ILE A 594 -36.32 22.99 -33.04
N ALA A 595 -35.57 21.89 -33.16
CA ALA A 595 -36.18 20.55 -33.15
C ALA A 595 -35.93 19.92 -31.78
N GLY A 596 -36.62 20.40 -30.75
CA GLY A 596 -36.43 19.91 -29.40
C GLY A 596 -37.48 18.87 -29.04
N PHE A 597 -37.06 17.90 -28.24
CA PHE A 597 -37.93 16.80 -27.84
C PHE A 597 -37.26 16.07 -26.68
N ASP A 598 -37.91 15.02 -26.20
CA ASP A 598 -37.38 14.20 -25.12
C ASP A 598 -38.02 12.82 -25.20
N GLY A 599 -37.38 11.85 -24.53
CA GLY A 599 -37.88 10.50 -24.51
C GLY A 599 -37.53 9.67 -25.73
N GLY A 600 -36.68 10.17 -26.61
CA GLY A 600 -36.29 9.44 -27.81
C GLY A 600 -37.22 9.60 -28.99
N VAL A 601 -38.31 10.35 -28.81
CA VAL A 601 -39.30 10.57 -29.91
C VAL A 601 -39.06 11.95 -30.52
N ILE A 602 -38.81 12.02 -31.84
CA ILE A 602 -38.48 13.32 -32.51
C ILE A 602 -39.68 14.26 -32.53
N VAL A 603 -39.45 15.58 -32.44
CA VAL A 603 -40.54 16.60 -32.50
C VAL A 603 -40.16 17.63 -33.57
N GLU A 604 -41.14 18.30 -34.18
CA GLU A 604 -40.87 19.24 -35.32
C GLU A 604 -39.93 20.41 -34.99
N GLN A 605 -39.35 21.01 -36.02
CA GLN A 605 -38.43 22.18 -35.90
C GLN A 605 -39.18 23.49 -36.15
N GLY A 606 -38.64 24.63 -35.68
CA GLY A 606 -39.24 25.95 -36.00
C GLY A 606 -40.26 26.52 -35.04
N ASN A 607 -41.17 25.72 -34.50
CA ASN A 607 -42.28 26.31 -33.70
C ASN A 607 -42.31 25.78 -32.25
N HIS A 608 -42.96 26.52 -31.35
CA HIS A 608 -42.97 26.15 -29.90
C HIS A 608 -44.31 25.54 -29.50
N ASP A 609 -45.11 25.09 -30.46
CA ASP A 609 -46.45 24.53 -30.13
C ASP A 609 -46.28 23.31 -29.23
N GLU A 610 -47.09 23.21 -28.16
CA GLU A 610 -47.05 22.04 -27.23
C GLU A 610 -45.65 21.82 -26.65
N LEU A 611 -44.96 22.90 -26.26
CA LEU A 611 -43.62 22.80 -25.64
C LEU A 611 -43.62 23.70 -24.41
N MET A 612 -44.04 23.12 -23.28
CA MET A 612 -44.20 23.89 -22.05
C MET A 612 -42.95 24.70 -21.74
N ARG A 613 -43.14 25.90 -21.19
CA ARG A 613 -41.97 26.78 -20.99
C ARG A 613 -42.10 27.49 -19.65
N GLU A 614 -42.26 26.72 -18.58
CA GLU A 614 -42.31 27.35 -17.24
C GLU A 614 -40.98 28.07 -17.01
N LYS A 615 -41.04 29.32 -16.53
CA LYS A 615 -39.80 30.08 -16.24
C LYS A 615 -39.03 29.38 -15.12
N GLY A 616 -39.74 28.91 -14.10
CA GLY A 616 -39.08 28.26 -12.95
C GLY A 616 -38.03 29.17 -12.33
N PRO A 689 8.44 11.19 12.83
CA PRO A 689 8.65 10.90 14.25
C PRO A 689 10.09 10.52 14.57
N PRO A 690 10.61 10.99 15.70
CA PRO A 690 11.97 10.63 16.09
C PRO A 690 12.10 9.15 16.41
N ALA A 691 13.30 8.63 16.20
CA ALA A 691 13.57 7.22 16.50
C ALA A 691 13.59 6.99 18.00
N SER A 692 13.19 5.78 18.40
CA SER A 692 13.18 5.44 19.82
C SER A 692 14.60 5.17 20.30
N PHE A 693 14.82 5.45 21.60
CA PHE A 693 16.13 5.32 22.20
C PHE A 693 16.48 3.87 22.53
N TRP A 694 15.50 2.96 22.40
CA TRP A 694 15.66 1.51 22.47
C TRP A 694 15.85 1.02 23.90
N ARG A 695 16.07 1.92 24.86
CA ARG A 695 15.97 1.53 26.26
C ARG A 695 14.58 1.78 26.82
N ILE A 696 13.84 2.71 26.21
CA ILE A 696 12.43 2.90 26.57
C ILE A 696 11.65 1.63 26.27
N LEU A 697 11.96 0.96 25.17
CA LEU A 697 11.28 -0.29 24.83
C LEU A 697 11.57 -1.36 25.86
N LYS A 698 12.83 -1.50 26.26
CA LYS A 698 13.18 -2.50 27.26
C LYS A 698 12.52 -2.20 28.59
N LEU A 699 12.46 -0.92 28.98
CA LEU A 699 11.71 -0.55 30.17
C LEU A 699 10.24 -0.89 30.04
N ASN A 700 9.69 -0.74 28.82
CA ASN A 700 8.31 -1.14 28.57
C ASN A 700 8.12 -2.64 28.78
N SER A 701 9.08 -3.44 28.32
CA SER A 701 9.07 -4.88 28.57
C SER A 701 9.60 -5.12 29.98
N THR A 702 8.73 -4.92 30.97
CA THR A 702 9.14 -4.94 32.37
C THR A 702 9.48 -6.34 32.88
N GLU A 703 9.17 -7.38 32.12
CA GLU A 703 9.46 -8.75 32.56
C GLU A 703 10.96 -8.98 32.39
N TRP A 704 11.72 -8.64 33.43
CA TRP A 704 13.16 -8.89 33.41
C TRP A 704 13.46 -10.39 33.49
N PRO A 705 12.62 -11.24 34.12
CA PRO A 705 12.73 -12.67 33.85
C PRO A 705 12.29 -12.97 32.42
N TYR A 706 12.33 -14.23 32.01
CA TYR A 706 12.08 -14.66 30.63
C TYR A 706 13.14 -14.12 29.68
N PHE A 707 14.12 -13.37 30.16
CA PHE A 707 15.18 -12.82 29.35
C PHE A 707 16.56 -13.34 29.72
N VAL A 708 16.79 -13.67 30.99
CA VAL A 708 18.07 -14.27 31.36
C VAL A 708 18.25 -15.61 30.69
N VAL A 709 17.20 -16.43 30.68
CA VAL A 709 17.25 -17.73 30.01
C VAL A 709 17.49 -17.54 28.52
N GLY A 710 16.78 -16.58 27.92
CA GLY A 710 16.96 -16.34 26.50
C GLY A 710 18.37 -15.86 26.16
N ILE A 711 18.93 -14.98 26.99
CA ILE A 711 20.28 -14.49 26.76
C ILE A 711 21.28 -15.63 26.88
N PHE A 712 21.12 -16.47 27.90
CA PHE A 712 22.03 -17.62 28.04
C PHE A 712 21.94 -18.55 26.85
N ALA A 713 20.73 -18.84 26.39
CA ALA A 713 20.56 -19.72 25.24
C ALA A 713 21.16 -19.09 23.98
N ALA A 714 20.95 -17.79 23.77
CA ALA A 714 21.52 -17.13 22.60
C ALA A 714 23.04 -17.14 22.64
N ILE A 715 23.62 -16.92 23.82
CA ILE A 715 25.08 -16.97 23.96
C ILE A 715 25.59 -18.37 23.63
N ILE A 716 24.91 -19.40 24.14
CA ILE A 716 25.32 -20.77 23.86
C ILE A 716 25.26 -21.05 22.36
N ASN A 717 24.15 -20.67 21.73
CA ASN A 717 23.98 -20.97 20.31
C ASN A 717 25.00 -20.23 19.46
N GLY A 718 25.28 -18.96 19.81
CA GLY A 718 26.29 -18.23 19.08
C GLY A 718 27.67 -18.84 19.26
N GLY A 719 27.98 -19.30 20.46
CA GLY A 719 29.27 -19.92 20.70
C GLY A 719 29.42 -21.30 20.09
N LEU A 720 28.31 -21.95 19.73
CA LEU A 720 28.42 -23.28 19.13
C LEU A 720 29.13 -23.24 17.77
N GLN A 721 28.82 -22.26 16.93
CA GLN A 721 29.40 -22.24 15.59
C GLN A 721 30.92 -22.20 15.59
N PRO A 722 31.60 -21.41 16.42
CA PRO A 722 33.05 -21.57 16.52
C PRO A 722 33.48 -22.96 16.97
N ALA A 723 32.71 -23.59 17.87
CA ALA A 723 33.00 -24.97 18.23
C ALA A 723 32.83 -25.89 17.03
N PHE A 724 31.82 -25.62 16.20
CA PHE A 724 31.69 -26.36 14.95
C PHE A 724 32.93 -26.20 14.07
N SER A 725 33.42 -24.96 13.92
CA SER A 725 34.60 -24.76 13.09
C SER A 725 35.80 -25.50 13.67
N VAL A 726 35.93 -25.51 15.00
CA VAL A 726 37.02 -26.23 15.64
C VAL A 726 36.93 -27.72 15.31
N ILE A 727 35.74 -28.30 15.45
CA ILE A 727 35.59 -29.73 15.22
C ILE A 727 35.82 -30.07 13.74
N PHE A 728 35.35 -29.21 12.84
CA PHE A 728 35.59 -29.42 11.42
C PHE A 728 37.07 -29.36 11.09
N SER A 729 37.79 -28.41 11.69
CA SER A 729 39.24 -28.33 11.48
C SER A 729 39.92 -29.58 12.02
N LYS A 730 39.47 -30.08 13.16
CA LYS A 730 40.06 -31.31 13.70
C LYS A 730 39.80 -32.49 12.76
N VAL A 731 38.60 -32.56 12.18
CA VAL A 731 38.29 -33.65 11.26
C VAL A 731 39.21 -33.60 10.05
N VAL A 732 39.39 -32.41 9.47
CA VAL A 732 40.31 -32.29 8.33
C VAL A 732 41.74 -32.63 8.76
N GLY A 733 42.13 -32.19 9.95
CA GLY A 733 43.47 -32.44 10.44
C GLY A 733 43.78 -33.90 10.68
N VAL A 734 42.78 -34.69 11.04
CA VAL A 734 43.01 -36.12 11.28
C VAL A 734 43.67 -36.76 10.07
N PHE A 735 43.28 -36.34 8.87
CA PHE A 735 43.88 -36.88 7.66
C PHE A 735 45.01 -36.02 7.09
N THR A 736 44.96 -34.70 7.26
CA THR A 736 46.04 -33.88 6.71
C THR A 736 47.29 -33.98 7.57
N ASN A 737 47.19 -33.62 8.85
CA ASN A 737 48.29 -33.80 9.80
C ASN A 737 48.07 -35.11 10.56
N GLY A 738 48.10 -36.21 9.80
CA GLY A 738 47.77 -37.50 10.35
C GLY A 738 48.88 -38.08 11.22
N GLY A 739 48.51 -39.11 11.98
CA GLY A 739 49.42 -39.79 12.86
C GLY A 739 49.31 -41.30 12.73
N PRO A 740 49.09 -41.97 13.86
CA PRO A 740 48.93 -43.43 13.84
C PRO A 740 47.68 -43.82 13.07
N PRO A 741 47.81 -44.71 12.08
CA PRO A 741 46.63 -45.10 11.29
C PRO A 741 45.52 -45.75 12.10
N GLU A 742 45.86 -46.40 13.21
CA GLU A 742 44.85 -47.12 13.98
C GLU A 742 43.97 -46.22 14.84
N THR A 743 44.42 -45.00 15.12
CA THR A 743 43.61 -44.05 15.89
C THR A 743 42.64 -43.25 15.03
N GLN A 744 42.76 -43.35 13.70
CA GLN A 744 41.90 -42.57 12.82
C GLN A 744 40.44 -42.97 12.98
N ARG A 745 40.17 -44.26 13.12
CA ARG A 745 38.79 -44.72 13.30
C ARG A 745 38.17 -44.12 14.56
N GLN A 746 38.89 -44.20 15.68
CA GLN A 746 38.38 -43.67 16.94
C GLN A 746 38.17 -42.17 16.85
N ASN A 747 39.12 -41.46 16.26
CA ASN A 747 38.99 -40.01 16.14
C ASN A 747 37.80 -39.64 15.27
N SER A 748 37.61 -40.35 14.15
CA SER A 748 36.48 -40.07 13.28
C SER A 748 35.16 -40.32 13.97
N ASN A 749 35.04 -41.44 14.68
CA ASN A 749 33.78 -41.71 15.39
C ASN A 749 33.53 -40.65 16.46
N LEU A 750 34.58 -40.25 17.20
CA LEU A 750 34.40 -39.22 18.21
C LEU A 750 33.93 -37.92 17.58
N PHE A 751 34.49 -37.54 16.44
CA PHE A 751 34.13 -36.25 15.84
C PHE A 751 32.74 -36.28 15.22
N SER A 752 32.34 -37.41 14.63
CA SER A 752 30.98 -37.52 14.13
C SER A 752 29.97 -37.46 15.28
N LEU A 753 30.26 -38.16 16.38
CA LEU A 753 29.42 -38.05 17.57
C LEU A 753 29.39 -36.62 18.08
N LEU A 754 30.50 -35.90 17.93
CA LEU A 754 30.54 -34.50 18.35
C LEU A 754 29.63 -33.64 17.49
N PHE A 755 29.61 -33.87 16.17
CA PHE A 755 28.63 -33.19 15.33
C PHE A 755 27.21 -33.48 15.78
N LEU A 756 26.90 -34.75 16.06
CA LEU A 756 25.53 -35.07 16.45
C LEU A 756 25.16 -34.42 17.78
N ILE A 757 26.08 -34.44 18.75
CA ILE A 757 25.83 -33.80 20.05
C ILE A 757 25.66 -32.30 19.87
N LEU A 758 26.47 -31.69 19.01
CA LEU A 758 26.34 -30.27 18.74
C LEU A 758 24.98 -29.95 18.12
N GLY A 759 24.51 -30.82 17.23
CA GLY A 759 23.20 -30.62 16.64
C GLY A 759 22.09 -30.68 17.68
N ILE A 760 22.13 -31.69 18.55
CA ILE A 760 21.05 -31.83 19.52
C ILE A 760 21.08 -30.70 20.54
N ILE A 761 22.28 -30.26 20.94
CA ILE A 761 22.35 -29.14 21.88
C ILE A 761 21.89 -27.84 21.22
N SER A 762 22.17 -27.63 19.94
CA SER A 762 21.63 -26.46 19.26
C SER A 762 20.11 -26.52 19.16
N PHE A 763 19.56 -27.70 18.89
CA PHE A 763 18.11 -27.83 18.81
C PHE A 763 17.45 -27.54 20.14
N ILE A 764 18.01 -28.07 21.23
CA ILE A 764 17.42 -27.78 22.55
C ILE A 764 17.63 -26.30 22.89
N THR A 765 18.73 -25.71 22.41
CA THR A 765 18.96 -24.29 22.63
C THR A 765 17.87 -23.45 22.00
N PHE A 766 17.55 -23.71 20.73
CA PHE A 766 16.43 -22.99 20.13
C PHE A 766 15.10 -23.35 20.74
N PHE A 767 14.89 -24.59 21.17
CA PHE A 767 13.62 -24.89 21.84
C PHE A 767 13.44 -23.97 23.05
N LEU A 768 14.43 -23.94 23.93
CA LEU A 768 14.34 -23.14 25.14
C LEU A 768 14.28 -21.64 24.83
N GLN A 769 15.20 -21.18 23.97
CA GLN A 769 15.27 -19.76 23.64
C GLN A 769 14.01 -19.27 22.97
N GLY A 770 13.49 -20.05 22.01
CA GLY A 770 12.24 -19.69 21.38
C GLY A 770 11.08 -19.68 22.36
N PHE A 771 11.03 -20.66 23.26
CA PHE A 771 9.97 -20.66 24.24
C PHE A 771 9.98 -19.36 25.03
N THR A 772 11.14 -19.00 25.61
CA THR A 772 11.17 -17.82 26.47
C THR A 772 10.98 -16.53 25.68
N PHE A 773 11.64 -16.40 24.52
CA PHE A 773 11.55 -15.15 23.78
C PHE A 773 10.17 -14.95 23.15
N GLY A 774 9.56 -16.03 22.64
CA GLY A 774 8.21 -15.91 22.12
C GLY A 774 7.21 -15.62 23.22
N LYS A 775 7.37 -16.24 24.40
CA LYS A 775 6.50 -15.92 25.51
C LYS A 775 6.60 -14.44 25.87
N ALA A 776 7.82 -13.93 25.98
CA ALA A 776 8.02 -12.52 26.32
C ALA A 776 7.44 -11.61 25.23
N GLY A 777 7.69 -11.95 23.96
CA GLY A 777 7.18 -11.12 22.88
C GLY A 777 5.67 -11.08 22.83
N GLU A 778 5.01 -12.23 23.00
CA GLU A 778 3.56 -12.26 22.94
C GLU A 778 2.94 -11.54 24.14
N ILE A 779 3.52 -11.72 25.34
CA ILE A 779 2.96 -11.02 26.49
C ILE A 779 3.18 -9.51 26.35
N LEU A 780 4.31 -9.11 25.75
CA LEU A 780 4.54 -7.69 25.49
C LEU A 780 3.54 -7.16 24.49
N THR A 781 3.24 -7.92 23.44
CA THR A 781 2.26 -7.47 22.46
C THR A 781 0.88 -7.32 23.08
N LYS A 782 0.48 -8.28 23.92
CA LYS A 782 -0.82 -8.17 24.57
C LYS A 782 -0.87 -6.96 25.50
N ARG A 783 0.20 -6.74 26.28
CA ARG A 783 0.23 -5.58 27.15
C ARG A 783 0.17 -4.29 26.36
N LEU A 784 0.89 -4.22 25.24
CA LEU A 784 0.87 -3.02 24.41
C LEU A 784 -0.50 -2.77 23.83
N ARG A 785 -1.17 -3.81 23.34
CA ARG A 785 -2.51 -3.63 22.79
C ARG A 785 -3.47 -3.14 23.88
N TYR A 786 -3.43 -3.76 25.05
CA TYR A 786 -4.32 -3.35 26.14
C TYR A 786 -4.07 -1.89 26.53
N MET A 787 -2.80 -1.52 26.69
CA MET A 787 -2.49 -0.17 27.14
C MET A 787 -2.83 0.86 26.05
N VAL A 788 -2.60 0.52 24.79
CA VAL A 788 -2.92 1.44 23.70
C VAL A 788 -4.42 1.65 23.62
N PHE A 789 -5.20 0.58 23.76
CA PHE A 789 -6.65 0.75 23.76
C PHE A 789 -7.12 1.58 24.95
N LYS A 790 -6.53 1.34 26.12
CA LYS A 790 -6.88 2.14 27.30
C LYS A 790 -6.58 3.62 27.05
N SER A 791 -5.40 3.91 26.49
CA SER A 791 -5.01 5.29 26.22
C SER A 791 -5.93 5.93 25.19
N MET A 792 -6.35 5.17 24.18
CA MET A 792 -7.20 5.76 23.15
C MET A 792 -8.62 6.00 23.65
N LEU A 793 -9.14 5.10 24.48
CA LEU A 793 -10.45 5.35 25.09
C LEU A 793 -10.39 6.47 26.11
N ARG A 794 -9.24 6.69 26.74
CA ARG A 794 -9.03 7.88 27.55
C ARG A 794 -8.90 9.14 26.69
N GLN A 795 -8.44 9.00 25.45
CA GLN A 795 -8.21 10.12 24.55
C GLN A 795 -9.53 10.87 24.30
N ASP A 796 -9.42 12.07 23.74
CA ASP A 796 -10.54 13.00 23.67
C ASP A 796 -11.13 13.07 22.25
N VAL A 797 -12.31 13.69 22.21
CA VAL A 797 -13.08 13.79 20.97
C VAL A 797 -12.33 14.62 19.94
N SER A 798 -11.60 15.65 20.38
CA SER A 798 -10.83 16.46 19.45
C SER A 798 -9.77 15.63 18.74
N TRP A 799 -9.03 14.83 19.52
CA TRP A 799 -8.01 13.96 18.94
C TRP A 799 -8.63 12.94 18.00
N PHE A 800 -9.79 12.39 18.37
CA PHE A 800 -10.46 11.46 17.47
C PHE A 800 -10.94 12.15 16.19
N ASP A 801 -11.39 13.40 16.29
CA ASP A 801 -11.88 14.15 15.15
C ASP A 801 -10.77 14.63 14.24
N ASP A 802 -9.54 14.67 14.73
CA ASP A 802 -8.38 14.98 13.89
C ASP A 802 -8.39 14.03 12.68
N PRO A 803 -8.54 14.53 11.46
CA PRO A 803 -8.63 13.63 10.30
C PRO A 803 -7.36 12.87 10.02
N LYS A 804 -6.23 13.27 10.60
CA LYS A 804 -5.01 12.48 10.48
C LYS A 804 -5.19 11.09 11.07
N ASN A 805 -5.93 11.00 12.18
CA ASN A 805 -6.22 9.71 12.81
C ASN A 805 -7.49 9.13 12.21
N THR A 806 -7.41 8.81 10.92
CA THR A 806 -8.50 8.10 10.26
C THR A 806 -8.66 6.72 10.89
N THR A 807 -9.91 6.30 11.05
CA THR A 807 -10.18 5.10 11.86
C THR A 807 -9.55 3.85 11.26
N GLY A 808 -9.52 3.74 9.94
CA GLY A 808 -8.88 2.58 9.32
C GLY A 808 -7.40 2.52 9.61
N ALA A 809 -6.69 3.63 9.43
CA ALA A 809 -5.27 3.66 9.75
C ALA A 809 -5.02 3.44 11.23
N LEU A 810 -5.90 3.97 12.08
CA LEU A 810 -5.75 3.78 13.52
C LEU A 810 -5.92 2.31 13.91
N THR A 811 -6.90 1.63 13.32
CA THR A 811 -7.07 0.21 13.60
C THR A 811 -5.91 -0.61 13.05
N THR A 812 -5.37 -0.24 11.89
CA THR A 812 -4.17 -0.91 11.41
C THR A 812 -3.00 -0.68 12.36
N ARG A 813 -2.90 0.51 12.94
CA ARG A 813 -1.86 0.76 13.93
C ARG A 813 -2.06 -0.07 15.19
N LEU A 814 -3.31 -0.26 15.61
CA LEU A 814 -3.56 -1.09 16.79
C LEU A 814 -3.30 -2.56 16.51
N ALA A 815 -3.53 -3.02 15.28
CA ALA A 815 -3.49 -4.44 14.96
C ALA A 815 -2.15 -4.88 14.40
N ASN A 816 -1.73 -4.31 13.28
CA ASN A 816 -0.54 -4.75 12.56
C ASN A 816 0.71 -3.96 12.94
N ASP A 817 0.61 -3.05 13.90
CA ASP A 817 1.77 -2.32 14.38
C ASP A 817 2.13 -2.62 15.82
N ALA A 818 1.14 -2.88 16.68
CA ALA A 818 1.44 -3.24 18.07
C ALA A 818 2.05 -4.62 18.17
N ALA A 819 1.99 -5.43 17.12
CA ALA A 819 2.66 -6.72 17.10
C ALA A 819 4.05 -6.65 16.49
N GLN A 820 4.43 -5.54 15.89
CA GLN A 820 5.82 -5.47 15.39
C GLN A 820 6.81 -5.27 16.55
N VAL A 821 6.47 -4.56 17.63
CA VAL A 821 7.42 -4.29 18.69
C VAL A 821 8.05 -5.58 19.20
N LYS A 822 7.45 -6.73 18.89
CA LYS A 822 8.08 -8.01 19.20
C LYS A 822 9.47 -8.12 18.60
N GLY A 823 9.73 -7.25 17.63
CA GLY A 823 11.01 -7.27 16.93
C GLY A 823 11.98 -6.22 17.37
N ALA A 824 11.84 -5.68 18.56
CA ALA A 824 12.90 -4.76 19.01
C ALA A 824 13.30 -5.11 20.43
N THR A 825 12.42 -5.69 21.20
CA THR A 825 12.84 -6.17 22.51
C THR A 825 13.08 -7.67 22.54
N GLY A 826 12.71 -8.38 21.49
CA GLY A 826 12.87 -9.82 21.41
C GLY A 826 14.03 -10.22 20.52
N SER A 827 13.70 -10.52 19.27
CA SER A 827 14.70 -10.97 18.31
C SER A 827 15.88 -10.01 18.21
N ARG A 828 15.64 -8.71 18.29
CA ARG A 828 16.76 -7.77 18.24
C ARG A 828 17.61 -7.79 19.50
N LEU A 829 17.14 -8.43 20.57
CA LEU A 829 18.00 -8.66 21.73
C LEU A 829 18.69 -10.01 21.67
N ALA A 830 18.03 -11.00 21.06
CA ALA A 830 18.65 -12.32 20.94
C ALA A 830 19.74 -12.32 19.87
N VAL A 831 19.50 -11.64 18.75
CA VAL A 831 20.40 -11.72 17.61
C VAL A 831 21.73 -11.04 17.91
N ILE A 832 21.70 -9.89 18.60
CA ILE A 832 22.95 -9.20 18.91
C ILE A 832 23.82 -10.06 19.82
N PHE A 833 23.22 -10.68 20.84
CA PHE A 833 23.99 -11.53 21.74
C PHE A 833 24.49 -12.78 21.03
N GLN A 834 23.66 -13.37 20.17
CA GLN A 834 24.12 -14.52 19.39
C GLN A 834 25.30 -14.14 18.50
N ASN A 835 25.21 -12.98 17.85
CA ASN A 835 26.27 -12.56 16.93
C ASN A 835 27.55 -12.25 17.69
N ILE A 836 27.46 -11.62 18.86
CA ILE A 836 28.68 -11.35 19.61
C ILE A 836 29.29 -12.65 20.13
N ALA A 837 28.47 -13.54 20.69
CA ALA A 837 28.98 -14.81 21.18
C ALA A 837 29.50 -15.70 20.06
N ASN A 838 29.13 -15.42 18.81
CA ASN A 838 29.71 -16.12 17.67
C ASN A 838 31.04 -15.49 17.24
N LEU A 839 31.01 -14.20 16.89
CA LEU A 839 32.17 -13.58 16.30
C LEU A 839 33.30 -13.40 17.30
N GLY A 840 32.99 -12.98 18.52
CA GLY A 840 34.04 -12.83 19.52
C GLY A 840 34.71 -14.15 19.84
N THR A 841 33.91 -15.21 19.98
CA THR A 841 34.47 -16.54 20.23
C THR A 841 35.31 -17.05 19.06
N GLY A 842 34.90 -16.77 17.83
CA GLY A 842 35.72 -17.15 16.70
C GLY A 842 37.04 -16.39 16.65
N ILE A 843 36.97 -15.07 16.85
CA ILE A 843 38.16 -14.24 16.75
C ILE A 843 39.13 -14.50 17.89
N ILE A 844 38.66 -14.79 19.10
CA ILE A 844 39.59 -15.08 20.18
C ILE A 844 40.37 -16.36 19.90
N ILE A 845 39.69 -17.40 19.41
CA ILE A 845 40.38 -18.65 19.08
C ILE A 845 41.36 -18.40 17.93
N SER A 846 40.94 -17.63 16.93
CA SER A 846 41.84 -17.31 15.84
C SER A 846 43.09 -16.57 16.33
N LEU A 847 42.91 -15.62 17.26
CA LEU A 847 44.05 -14.90 17.81
C LEU A 847 44.97 -15.82 18.59
N ILE A 848 44.39 -16.76 19.34
CA ILE A 848 45.22 -17.71 20.08
C ILE A 848 46.06 -18.56 19.14
N TYR A 849 45.47 -19.04 18.05
CA TYR A 849 46.20 -19.99 17.21
C TYR A 849 47.00 -19.32 16.08
N GLY A 850 46.32 -18.63 15.17
CA GLY A 850 46.94 -18.14 13.95
C GLY A 850 46.94 -16.64 13.80
N TRP A 851 47.33 -15.92 14.85
CA TRP A 851 47.12 -14.46 14.90
C TRP A 851 47.53 -13.74 13.63
N GLN A 852 48.53 -14.24 12.90
CA GLN A 852 48.93 -13.61 11.64
C GLN A 852 47.79 -13.65 10.62
N LEU A 853 47.38 -14.86 10.23
CA LEU A 853 46.25 -15.01 9.32
C LEU A 853 44.99 -14.40 9.91
N THR A 854 44.86 -14.39 11.24
CA THR A 854 43.71 -13.77 11.88
C THR A 854 43.65 -12.28 11.56
N LEU A 855 44.77 -11.58 11.74
CA LEU A 855 44.81 -10.15 11.43
C LEU A 855 44.58 -9.92 9.94
N LEU A 856 45.18 -10.75 9.08
CA LEU A 856 44.99 -10.57 7.65
C LEU A 856 43.51 -10.68 7.27
N LEU A 857 42.86 -11.77 7.69
CA LEU A 857 41.46 -11.98 7.37
C LEU A 857 40.55 -10.95 8.03
N LEU A 858 40.84 -10.55 9.26
CA LEU A 858 40.04 -9.54 9.94
C LEU A 858 40.26 -8.14 9.36
N ALA A 859 41.32 -7.95 8.59
CA ALA A 859 41.47 -6.72 7.83
C ALA A 859 40.79 -6.81 6.47
N ILE A 860 40.68 -8.01 5.91
CA ILE A 860 40.08 -8.13 4.58
C ILE A 860 38.56 -8.16 4.65
N VAL A 861 37.99 -8.92 5.58
CA VAL A 861 36.54 -9.13 5.67
C VAL A 861 35.75 -7.82 5.76
N PRO A 862 36.19 -6.83 6.55
CA PRO A 862 35.46 -5.55 6.56
C PRO A 862 35.37 -4.91 5.19
N ILE A 863 36.36 -5.12 4.32
CA ILE A 863 36.31 -4.52 2.99
C ILE A 863 35.11 -5.04 2.21
N ILE A 864 34.94 -6.36 2.16
CA ILE A 864 33.79 -6.90 1.44
C ILE A 864 32.48 -6.57 2.15
N ALA A 865 32.49 -6.53 3.49
CA ALA A 865 31.28 -6.17 4.20
C ALA A 865 30.81 -4.75 3.85
N ILE A 866 31.72 -3.78 3.92
CA ILE A 866 31.35 -2.42 3.59
C ILE A 866 31.06 -2.28 2.10
N ALA A 867 31.70 -3.09 1.26
CA ALA A 867 31.36 -3.07 -0.16
C ALA A 867 29.92 -3.50 -0.39
N GLY A 868 29.49 -4.57 0.27
CA GLY A 868 28.09 -4.96 0.17
C GLY A 868 27.15 -3.91 0.72
N VAL A 869 27.51 -3.30 1.84
CA VAL A 869 26.65 -2.28 2.44
C VAL A 869 26.49 -1.09 1.51
N VAL A 870 27.60 -0.60 0.94
CA VAL A 870 27.53 0.54 0.05
C VAL A 870 26.83 0.17 -1.25
N GLU A 871 26.97 -1.08 -1.70
CA GLU A 871 26.20 -1.54 -2.85
C GLU A 871 24.71 -1.43 -2.59
N MET A 872 24.26 -1.91 -1.43
CA MET A 872 22.85 -1.81 -1.08
C MET A 872 22.41 -0.35 -1.01
N LYS A 873 23.18 0.47 -0.33
CA LYS A 873 22.81 1.91 -0.25
C LYS A 873 22.66 2.48 -1.67
N MET A 874 23.68 2.40 -2.52
CA MET A 874 23.57 3.05 -3.82
C MET A 874 22.45 2.46 -4.66
N LEU A 875 22.20 1.15 -4.56
CA LEU A 875 21.09 0.57 -5.28
C LEU A 875 19.77 1.15 -4.81
N SER A 876 19.59 1.30 -3.50
CA SER A 876 18.36 1.89 -2.98
C SER A 876 18.21 3.35 -3.42
N GLY A 877 19.31 4.11 -3.39
CA GLY A 877 19.24 5.49 -3.84
C GLY A 877 18.89 5.63 -5.30
N GLN A 878 19.50 4.79 -6.15
CA GLN A 878 19.20 4.82 -7.58
C GLN A 878 17.76 4.40 -7.83
N ALA A 879 17.26 3.41 -7.09
CA ALA A 879 15.87 3.01 -7.24
C ALA A 879 14.92 4.15 -6.85
N LEU A 880 15.24 4.85 -5.77
CA LEU A 880 14.42 5.99 -5.36
C LEU A 880 14.41 7.09 -6.44
N LYS A 881 15.58 7.40 -6.99
CA LYS A 881 15.64 8.43 -8.02
C LYS A 881 14.86 8.00 -9.26
N ASP A 882 15.02 6.74 -9.67
CA ASP A 882 14.30 6.24 -10.85
C ASP A 882 12.80 6.29 -10.62
N LYS A 883 12.35 5.94 -9.42
CA LYS A 883 10.93 6.08 -9.10
C LYS A 883 10.49 7.53 -9.15
N LYS A 884 11.37 8.46 -8.76
CA LYS A 884 11.04 9.87 -8.82
C LYS A 884 10.75 10.30 -10.26
N GLU A 885 11.68 10.00 -11.19
CA GLU A 885 11.40 10.38 -12.58
C GLU A 885 10.24 9.58 -13.17
N LEU A 886 10.05 8.34 -12.72
CA LEU A 886 8.93 7.54 -13.21
C LEU A 886 7.60 8.17 -12.83
N GLU A 887 7.49 8.68 -11.60
CA GLU A 887 6.28 9.41 -11.20
C GLU A 887 6.19 10.75 -11.92
N GLY A 888 7.33 11.38 -12.22
CA GLY A 888 7.30 12.58 -13.04
C GLY A 888 6.65 12.34 -14.38
N SER A 889 6.93 11.18 -14.99
CA SER A 889 6.26 10.81 -16.24
C SER A 889 4.81 10.37 -15.99
N GLY A 890 4.55 9.71 -14.86
CA GLY A 890 3.20 9.30 -14.55
C GLY A 890 2.26 10.47 -14.36
N LYS A 891 2.78 11.66 -14.04
CA LYS A 891 1.81 12.79 -13.92
C LYS A 891 1.28 13.13 -15.30
N ILE A 892 2.12 13.24 -16.32
CA ILE A 892 1.54 13.51 -17.64
C ILE A 892 0.72 12.32 -18.10
N ALA A 893 1.12 11.10 -17.74
CA ALA A 893 0.33 9.93 -18.10
C ALA A 893 -1.09 10.03 -17.57
N THR A 894 -1.24 10.32 -16.27
CA THR A 894 -2.57 10.40 -15.68
C THR A 894 -3.31 11.64 -16.16
N GLU A 895 -2.59 12.74 -16.40
CA GLU A 895 -3.25 13.95 -16.88
C GLU A 895 -3.85 13.70 -18.26
N ALA A 896 -3.17 12.90 -19.09
CA ALA A 896 -3.71 12.56 -20.40
C ALA A 896 -4.86 11.57 -20.30
N ILE A 897 -4.71 10.54 -19.46
CA ILE A 897 -5.70 9.47 -19.43
C ILE A 897 -7.01 9.97 -18.82
N GLU A 898 -6.93 10.81 -17.80
CA GLU A 898 -8.13 11.29 -17.11
C GLU A 898 -9.04 12.04 -18.07
N ASN A 899 -8.48 12.90 -18.92
CA ASN A 899 -9.24 13.75 -19.83
C ASN A 899 -9.29 13.16 -21.23
N PHE A 900 -9.40 11.83 -21.34
CA PHE A 900 -9.34 11.20 -22.64
C PHE A 900 -10.47 11.67 -23.54
N ARG A 901 -11.66 11.87 -22.98
CA ARG A 901 -12.80 12.30 -23.80
C ARG A 901 -12.47 13.61 -24.51
N THR A 902 -11.92 14.58 -23.79
CA THR A 902 -11.58 15.86 -24.40
C THR A 902 -10.42 15.70 -25.39
N VAL A 903 -9.39 14.94 -25.02
CA VAL A 903 -8.20 14.88 -25.87
C VAL A 903 -8.52 14.12 -27.16
N VAL A 904 -9.56 13.27 -27.14
CA VAL A 904 -9.95 12.58 -28.36
C VAL A 904 -10.99 13.39 -29.12
N SER A 905 -11.78 14.23 -28.45
CA SER A 905 -12.63 15.17 -29.15
C SER A 905 -11.78 16.14 -29.97
N LEU A 906 -10.67 16.58 -29.40
CA LEU A 906 -9.69 17.32 -30.18
C LEU A 906 -8.85 16.34 -31.00
N THR A 907 -8.35 16.82 -32.13
CA THR A 907 -7.58 15.96 -33.02
C THR A 907 -6.17 15.70 -32.50
N ARG A 908 -5.72 16.44 -31.48
CA ARG A 908 -4.36 16.29 -30.97
C ARG A 908 -4.25 14.95 -30.26
N GLU A 909 -3.70 13.96 -30.95
CA GLU A 909 -3.52 12.64 -30.38
C GLU A 909 -2.06 12.21 -30.33
N GLN A 910 -1.30 12.40 -31.41
CA GLN A 910 0.11 12.06 -31.40
C GLN A 910 0.93 13.04 -30.57
N LYS A 911 0.37 14.22 -30.26
CA LYS A 911 1.08 15.18 -29.43
C LYS A 911 1.35 14.60 -28.05
N PHE A 912 0.36 13.95 -27.44
CA PHE A 912 0.56 13.39 -26.11
C PHE A 912 1.51 12.20 -26.16
N GLU A 913 1.46 11.41 -27.23
CA GLU A 913 2.43 10.32 -27.39
C GLU A 913 3.85 10.87 -27.46
N THR A 914 4.06 11.94 -28.23
CA THR A 914 5.39 12.53 -28.34
C THR A 914 5.84 13.13 -27.01
N MET A 915 4.93 13.78 -26.29
CA MET A 915 5.29 14.34 -24.99
C MET A 915 5.64 13.23 -24.00
N TYR A 916 4.91 12.11 -24.04
CA TYR A 916 5.24 10.97 -23.19
C TYR A 916 6.61 10.42 -23.54
N ALA A 917 6.92 10.32 -24.84
CA ALA A 917 8.25 9.86 -25.24
C ALA A 917 9.34 10.78 -24.72
N GLN A 918 9.12 12.10 -24.84
CA GLN A 918 10.12 13.05 -24.35
C GLN A 918 10.28 12.94 -22.84
N SER A 919 9.19 12.77 -22.11
CA SER A 919 9.27 12.62 -20.65
C SER A 919 9.97 11.32 -20.26
N LEU A 920 9.78 10.26 -21.04
CA LEU A 920 10.37 8.96 -20.73
C LEU A 920 11.79 8.81 -21.22
N GLN A 921 12.28 9.73 -22.07
CA GLN A 921 13.63 9.60 -22.59
C GLN A 921 14.67 9.62 -21.48
N ILE A 922 14.52 10.50 -20.49
CA ILE A 922 15.50 10.57 -19.40
C ILE A 922 15.54 9.29 -18.58
N PRO A 923 14.42 8.73 -18.12
CA PRO A 923 14.52 7.44 -17.42
C PRO A 923 15.10 6.33 -18.27
N TYR A 924 15.00 6.43 -19.59
CA TYR A 924 15.60 5.42 -20.46
C TYR A 924 17.12 5.39 -20.27
N ARG A 925 17.76 6.56 -20.18
CA ARG A 925 19.20 6.60 -19.94
C ARG A 925 19.53 6.32 -18.48
N ASN A 926 18.66 6.75 -17.56
CA ASN A 926 18.92 6.51 -16.14
C ASN A 926 18.92 5.00 -15.84
N ALA A 927 18.01 4.26 -16.46
CA ALA A 927 17.98 2.81 -16.26
C ALA A 927 19.26 2.15 -16.76
N MET A 928 19.77 2.59 -17.91
CA MET A 928 21.00 2.01 -18.43
C MET A 928 22.19 2.32 -17.53
N LYS A 929 22.28 3.56 -17.04
CA LYS A 929 23.38 3.91 -16.14
C LYS A 929 23.28 3.11 -14.84
N LYS A 930 22.07 2.95 -14.31
CA LYS A 930 21.89 2.15 -13.10
C LYS A 930 22.28 0.70 -13.36
N ALA A 931 21.94 0.18 -14.54
CA ALA A 931 22.31 -1.19 -14.88
C ALA A 931 23.83 -1.37 -14.89
N HIS A 932 24.54 -0.41 -15.51
CA HIS A 932 25.99 -0.50 -15.55
C HIS A 932 26.58 -0.42 -14.15
N VAL A 933 26.06 0.47 -13.31
CA VAL A 933 26.58 0.61 -11.95
C VAL A 933 26.35 -0.67 -11.16
N PHE A 934 25.15 -1.26 -11.29
CA PHE A 934 24.85 -2.50 -10.59
C PHE A 934 25.75 -3.63 -11.06
N GLY A 935 25.99 -3.71 -12.37
CA GLY A 935 26.92 -4.72 -12.87
C GLY A 935 28.31 -4.56 -12.31
N ILE A 936 28.82 -3.33 -12.27
CA ILE A 936 30.15 -3.08 -11.75
C ILE A 936 30.25 -3.47 -10.29
N THR A 937 29.26 -3.08 -9.48
CA THR A 937 29.35 -3.37 -8.05
C THR A 937 29.18 -4.87 -7.77
N PHE A 938 28.33 -5.55 -8.54
CA PHE A 938 28.20 -6.99 -8.38
C PHE A 938 29.52 -7.69 -8.72
N SER A 939 30.15 -7.29 -9.81
CA SER A 939 31.42 -7.90 -10.19
C SER A 939 32.49 -7.63 -9.15
N PHE A 940 32.56 -6.41 -8.62
CA PHE A 940 33.56 -6.13 -7.59
C PHE A 940 33.30 -6.93 -6.32
N THR A 941 32.05 -7.07 -5.90
CA THR A 941 31.84 -7.84 -4.67
C THR A 941 32.24 -9.31 -4.86
N GLN A 942 31.88 -9.91 -6.00
CA GLN A 942 32.27 -11.31 -6.21
C GLN A 942 33.78 -11.46 -6.36
N ALA A 943 34.41 -10.53 -7.08
CA ALA A 943 35.86 -10.58 -7.24
C ALA A 943 36.58 -10.42 -5.91
N MET A 944 36.08 -9.52 -5.05
CA MET A 944 36.68 -9.37 -3.72
C MET A 944 36.53 -10.64 -2.90
N MET A 945 35.36 -11.30 -2.98
CA MET A 945 35.21 -12.56 -2.27
C MET A 945 36.26 -13.59 -2.72
N TYR A 946 36.37 -13.81 -4.03
CA TYR A 946 37.31 -14.83 -4.50
C TYR A 946 38.76 -14.43 -4.23
N PHE A 947 39.10 -13.15 -4.39
CA PHE A 947 40.47 -12.71 -4.18
C PHE A 947 40.84 -12.78 -2.71
N SER A 948 39.91 -12.48 -1.81
CA SER A 948 40.16 -12.67 -0.38
C SER A 948 40.42 -14.14 -0.08
N TYR A 949 39.63 -15.03 -0.68
CA TYR A 949 39.84 -16.46 -0.50
C TYR A 949 41.25 -16.86 -0.94
N ALA A 950 41.65 -16.37 -2.12
CA ALA A 950 42.96 -16.69 -2.68
C ALA A 950 44.09 -16.16 -1.80
N ALA A 951 43.99 -14.91 -1.36
CA ALA A 951 45.03 -14.32 -0.54
C ALA A 951 45.13 -15.02 0.81
N ALA A 952 43.99 -15.40 1.39
CA ALA A 952 44.00 -16.11 2.66
C ALA A 952 44.77 -17.41 2.55
N PHE A 953 44.45 -18.23 1.54
CA PHE A 953 45.22 -19.48 1.42
C PHE A 953 46.66 -19.26 0.93
N ARG A 954 46.94 -18.19 0.19
CA ARG A 954 48.33 -17.95 -0.18
C ARG A 954 49.17 -17.62 1.06
N PHE A 955 48.63 -16.78 1.95
CA PHE A 955 49.33 -16.47 3.19
C PHE A 955 49.43 -17.71 4.07
N GLY A 956 48.37 -18.53 4.11
CA GLY A 956 48.44 -19.77 4.87
C GLY A 956 49.52 -20.69 4.37
N ALA A 957 49.65 -20.82 3.05
CA ALA A 957 50.70 -21.65 2.48
C ALA A 957 52.08 -21.10 2.81
N TYR A 958 52.24 -19.78 2.72
CA TYR A 958 53.51 -19.17 3.12
C TYR A 958 53.86 -19.53 4.56
N LEU A 959 52.88 -19.39 5.46
CA LEU A 959 53.16 -19.65 6.87
C LEU A 959 53.46 -21.11 7.12
N VAL A 960 52.75 -22.02 6.43
CA VAL A 960 53.03 -23.45 6.59
C VAL A 960 54.43 -23.78 6.07
N THR A 961 54.81 -23.22 4.92
CA THR A 961 56.16 -23.45 4.39
C THR A 961 57.21 -22.92 5.35
N GLN A 962 56.93 -21.80 6.01
CA GLN A 962 57.83 -21.26 7.02
C GLN A 962 57.80 -22.05 8.31
N GLN A 963 56.91 -23.04 8.41
CA GLN A 963 56.77 -23.88 9.61
C GLN A 963 56.44 -23.04 10.84
N LEU A 964 55.28 -22.39 10.78
CA LEU A 964 54.74 -21.65 11.91
C LEU A 964 53.48 -22.29 12.47
N MET A 965 52.47 -22.51 11.64
CA MET A 965 51.28 -23.26 12.04
C MET A 965 50.99 -24.32 11.01
N THR A 966 50.37 -25.41 11.46
CA THR A 966 50.02 -26.49 10.56
C THR A 966 48.72 -26.18 9.82
N PHE A 967 48.38 -27.07 8.87
CA PHE A 967 47.17 -26.89 8.09
C PHE A 967 45.92 -26.96 8.96
N GLU A 968 45.98 -27.73 10.05
CA GLU A 968 44.86 -27.75 10.99
C GLU A 968 44.55 -26.34 11.49
N ASN A 969 45.57 -25.64 11.99
CA ASN A 969 45.41 -24.28 12.46
C ASN A 969 45.04 -23.32 11.36
N VAL A 970 45.62 -23.45 10.17
CA VAL A 970 45.29 -22.56 9.07
C VAL A 970 43.80 -22.68 8.73
N LEU A 971 43.33 -23.91 8.57
CA LEU A 971 41.92 -24.11 8.23
C LEU A 971 41.01 -23.67 9.37
N LEU A 972 41.42 -23.89 10.62
CA LEU A 972 40.60 -23.45 11.74
C LEU A 972 40.45 -21.93 11.75
N VAL A 973 41.56 -21.20 11.61
CA VAL A 973 41.49 -19.75 11.61
C VAL A 973 40.64 -19.26 10.44
N PHE A 974 40.87 -19.81 9.25
CA PHE A 974 40.12 -19.37 8.09
C PHE A 974 38.63 -19.64 8.25
N SER A 975 38.23 -20.84 8.66
CA SER A 975 36.83 -21.22 8.77
C SER A 975 36.16 -20.67 10.02
N ALA A 976 36.93 -20.10 10.94
CA ALA A 976 36.34 -19.38 12.07
C ALA A 976 36.28 -17.88 11.83
N ILE A 977 37.01 -17.37 10.84
CA ILE A 977 36.87 -15.95 10.53
C ILE A 977 35.87 -15.71 9.40
N VAL A 978 35.94 -16.47 8.30
CA VAL A 978 35.06 -16.13 7.17
C VAL A 978 33.68 -16.76 7.37
N PHE A 979 33.64 -18.06 7.68
CA PHE A 979 32.35 -18.71 7.83
C PHE A 979 31.64 -18.26 9.09
N GLY A 980 32.37 -17.72 10.05
CA GLY A 980 31.73 -17.03 11.16
C GLY A 980 31.01 -15.77 10.70
N ALA A 981 31.67 -14.97 9.85
CA ALA A 981 31.05 -13.75 9.36
C ALA A 981 29.85 -14.05 8.47
N MET A 982 29.95 -15.09 7.63
CA MET A 982 28.80 -15.46 6.80
C MET A 982 27.62 -15.89 7.65
N ALA A 983 27.87 -16.66 8.72
CA ALA A 983 26.80 -17.05 9.62
C ALA A 983 26.22 -15.85 10.34
N VAL A 984 27.06 -14.89 10.72
CA VAL A 984 26.55 -13.66 11.33
C VAL A 984 25.63 -12.93 10.37
N GLY A 985 26.03 -12.83 9.10
CA GLY A 985 25.17 -12.21 8.11
C GLY A 985 23.85 -12.93 7.95
N GLN A 986 23.90 -14.27 7.92
CA GLN A 986 22.67 -15.04 7.78
C GLN A 986 21.74 -14.86 8.98
N VAL A 987 22.30 -14.87 10.19
CA VAL A 987 21.48 -14.68 11.39
C VAL A 987 20.88 -13.28 11.41
N SER A 988 21.64 -12.27 11.03
CA SER A 988 21.10 -10.92 10.93
C SER A 988 19.96 -10.86 9.92
N SER A 989 20.14 -11.55 8.78
CA SER A 989 19.09 -11.57 7.76
C SER A 989 17.82 -12.23 8.28
N PHE A 990 17.97 -13.31 9.04
CA PHE A 990 16.80 -14.02 9.61
C PHE A 990 16.27 -13.29 10.84
N ALA A 991 15.92 -12.01 10.69
CA ALA A 991 15.37 -11.22 11.82
C ALA A 991 14.15 -10.40 11.36
N PRO A 992 13.13 -10.18 12.21
CA PRO A 992 11.95 -9.36 11.85
C PRO A 992 12.22 -7.87 11.62
N ASP A 993 13.44 -7.50 11.19
CA ASP A 993 13.74 -6.08 10.81
C ASP A 993 13.71 -5.05 11.94
N TYR A 994 14.73 -4.97 12.79
CA TYR A 994 14.77 -3.91 13.81
C TYR A 994 14.79 -2.55 13.13
N ALA A 995 15.26 -2.49 11.89
CA ALA A 995 15.43 -1.15 11.29
C ALA A 995 14.12 -0.40 11.19
N LYS A 996 13.07 -1.07 10.76
CA LYS A 996 11.77 -0.39 10.53
C LYS A 996 10.75 -1.49 10.64
N ALA A 997 9.45 -1.15 10.47
CA ALA A 997 8.36 -2.11 10.77
C ALA A 997 8.41 -2.23 12.28
N THR A 998 9.60 -2.33 12.88
CA THR A 998 9.66 -2.33 14.37
C THR A 998 10.00 -0.95 14.93
N VAL A 999 11.05 -0.29 14.42
CA VAL A 999 11.51 1.01 15.03
C VAL A 999 10.43 2.10 14.92
N SER A 1000 9.73 2.21 13.79
CA SER A 1000 8.75 3.31 13.61
C SER A 1000 7.47 2.97 14.40
N ALA A 1001 6.99 1.74 14.27
CA ALA A 1001 5.77 1.30 14.95
C ALA A 1001 5.89 1.43 16.45
N SER A 1002 7.05 1.08 16.96
CA SER A 1002 7.27 1.14 18.42
C SER A 1002 7.26 2.56 18.95
N HIS A 1003 7.86 3.48 18.23
CA HIS A 1003 7.84 4.87 18.67
C HIS A 1003 6.46 5.48 18.50
N ILE A 1004 5.74 5.12 17.44
CA ILE A 1004 4.41 5.68 17.23
C ILE A 1004 3.46 5.24 18.34
N ILE A 1005 3.49 3.95 18.69
CA ILE A 1005 2.57 3.52 19.74
C ILE A 1005 3.07 3.98 21.11
N ARG A 1006 4.37 4.24 21.27
CA ARG A 1006 4.83 4.87 22.50
C ARG A 1006 4.30 6.30 22.62
N ILE A 1007 4.26 7.04 21.52
CA ILE A 1007 3.65 8.36 21.53
C ILE A 1007 2.18 8.27 21.89
N ILE A 1008 1.48 7.29 21.31
CA ILE A 1008 0.06 7.12 21.60
C ILE A 1008 -0.14 6.76 23.08
N GLU A 1009 0.71 5.89 23.61
CA GLU A 1009 0.62 5.49 25.01
C GLU A 1009 0.88 6.68 25.94
N LYS A 1010 1.86 7.51 25.60
CA LYS A 1010 2.22 8.67 26.41
C LYS A 1010 1.50 9.94 25.99
N THR A 1011 0.32 9.80 25.36
CA THR A 1011 -0.42 10.97 24.92
C THR A 1011 -0.94 11.76 26.12
N PRO A 1012 -1.03 13.08 26.00
CA PRO A 1012 -1.61 13.88 27.08
C PRO A 1012 -3.09 13.56 27.27
N GLU A 1013 -3.54 13.69 28.50
CA GLU A 1013 -4.96 13.49 28.85
C GLU A 1013 -5.64 14.84 28.81
N ILE A 1014 -6.56 15.02 27.86
CA ILE A 1014 -7.27 16.28 27.67
C ILE A 1014 -8.67 16.13 28.25
N ASP A 1015 -8.85 16.65 29.47
CA ASP A 1015 -10.11 16.60 30.23
C ASP A 1015 -10.81 15.26 30.08
N SER A 1016 -10.11 14.20 30.49
CA SER A 1016 -10.66 12.84 30.50
C SER A 1016 -10.91 12.41 31.94
N TYR A 1017 -11.31 11.15 32.12
CA TYR A 1017 -11.67 10.68 33.46
C TYR A 1017 -10.46 10.74 34.38
N SER A 1018 -10.67 11.28 35.58
CA SER A 1018 -9.62 11.43 36.56
C SER A 1018 -10.27 11.69 37.92
N THR A 1019 -9.43 11.71 38.96
CA THR A 1019 -9.89 11.96 40.31
C THR A 1019 -10.08 13.45 40.61
N GLN A 1020 -9.65 14.34 39.71
CA GLN A 1020 -9.78 15.77 39.91
C GLN A 1020 -11.17 16.19 39.40
N GLY A 1021 -12.15 16.17 40.30
CA GLY A 1021 -13.50 16.55 39.93
C GLY A 1021 -14.43 16.70 41.11
N LEU A 1022 -15.33 17.67 41.03
CA LEU A 1022 -16.34 17.90 42.07
C LEU A 1022 -17.66 17.29 41.64
N LYS A 1023 -18.30 16.55 42.55
CA LYS A 1023 -19.57 15.88 42.28
C LYS A 1023 -20.60 16.30 43.30
N PRO A 1024 -21.32 17.40 43.06
CA PRO A 1024 -22.36 17.83 43.98
C PRO A 1024 -23.49 16.82 44.06
N ASN A 1025 -24.12 16.77 45.23
CA ASN A 1025 -25.20 15.83 45.50
C ASN A 1025 -26.57 16.36 45.08
N MET A 1026 -26.63 17.57 44.53
CA MET A 1026 -27.89 18.15 44.09
C MET A 1026 -27.76 18.56 42.63
N LEU A 1027 -28.88 18.55 41.92
CA LEU A 1027 -28.91 18.86 40.49
C LEU A 1027 -30.21 19.57 40.17
N GLU A 1028 -30.15 20.89 39.97
CA GLU A 1028 -31.33 21.68 39.66
C GLU A 1028 -31.72 21.60 38.19
N GLY A 1029 -30.84 21.10 37.33
CA GLY A 1029 -31.16 21.02 35.91
C GLY A 1029 -31.19 22.35 35.19
N ASN A 1030 -30.47 23.35 35.69
CA ASN A 1030 -30.43 24.68 35.10
C ASN A 1030 -29.06 24.93 34.48
N VAL A 1031 -29.05 25.36 33.22
CA VAL A 1031 -27.82 25.66 32.48
C VAL A 1031 -27.94 27.07 31.95
N GLN A 1032 -26.87 27.85 32.10
CA GLN A 1032 -26.80 29.23 31.63
C GLN A 1032 -25.78 29.28 30.50
N PHE A 1033 -26.25 29.01 29.28
CA PHE A 1033 -25.39 28.93 28.11
C PHE A 1033 -25.43 30.26 27.38
N SER A 1034 -24.74 31.25 27.94
CA SER A 1034 -24.73 32.59 27.39
C SER A 1034 -23.31 33.13 27.35
N GLY A 1035 -23.06 34.04 26.40
CA GLY A 1035 -21.74 34.65 26.27
C GLY A 1035 -20.64 33.67 25.95
N VAL A 1036 -20.86 32.79 24.99
CA VAL A 1036 -19.92 31.73 24.66
C VAL A 1036 -19.58 31.81 23.17
N VAL A 1037 -18.31 31.64 22.86
CA VAL A 1037 -17.83 31.57 21.48
C VAL A 1037 -16.87 30.40 21.38
N PHE A 1038 -16.98 29.64 20.30
CA PHE A 1038 -16.18 28.42 20.12
C PHE A 1038 -15.93 28.17 18.64
N ASN A 1039 -14.78 27.55 18.36
CA ASN A 1039 -14.41 27.14 17.01
C ASN A 1039 -13.90 25.70 17.06
N TYR A 1040 -14.17 24.94 16.01
CA TYR A 1040 -13.72 23.56 15.95
C TYR A 1040 -12.20 23.49 15.88
N PRO A 1041 -11.55 22.73 16.77
CA PRO A 1041 -10.10 22.54 16.65
C PRO A 1041 -9.68 21.91 15.34
N THR A 1042 -10.52 21.04 14.76
CA THR A 1042 -10.16 20.41 13.50
C THR A 1042 -10.09 21.41 12.35
N ARG A 1043 -11.00 22.37 12.31
CA ARG A 1043 -11.02 23.41 11.27
C ARG A 1043 -11.23 24.77 11.91
N PRO A 1044 -10.19 25.30 12.57
CA PRO A 1044 -10.33 26.63 13.19
C PRO A 1044 -10.42 27.77 12.19
N SER A 1045 -10.12 27.52 10.92
CA SER A 1045 -10.15 28.56 9.90
C SER A 1045 -11.55 29.08 9.60
N ILE A 1046 -12.59 28.42 10.08
CA ILE A 1046 -13.97 28.83 9.88
C ILE A 1046 -14.58 29.13 11.23
N PRO A 1047 -14.54 30.40 11.66
CA PRO A 1047 -15.14 30.75 12.95
C PRO A 1047 -16.64 30.49 12.96
N VAL A 1048 -17.13 29.98 14.08
CA VAL A 1048 -18.53 29.60 14.23
C VAL A 1048 -18.99 29.94 15.64
N LEU A 1049 -20.30 29.77 15.86
CA LEU A 1049 -20.92 29.80 17.19
C LEU A 1049 -20.59 31.10 17.92
N GLN A 1050 -21.05 32.20 17.32
CA GLN A 1050 -20.73 33.55 17.80
C GLN A 1050 -22.01 34.21 18.34
N GLY A 1051 -21.92 34.72 19.56
CA GLY A 1051 -23.01 35.48 20.14
C GLY A 1051 -24.24 34.65 20.51
N LEU A 1052 -24.11 33.81 21.54
CA LEU A 1052 -25.19 32.93 21.99
C LEU A 1052 -25.56 33.27 23.43
N SER A 1053 -26.86 33.38 23.69
CA SER A 1053 -27.39 33.53 25.04
C SER A 1053 -28.54 32.54 25.21
N LEU A 1054 -28.39 31.62 26.15
CA LEU A 1054 -29.38 30.59 26.43
C LEU A 1054 -29.69 30.56 27.91
N GLU A 1055 -30.90 30.11 28.25
CA GLU A 1055 -31.32 29.97 29.64
C GLU A 1055 -32.26 28.78 29.75
N VAL A 1056 -32.00 27.90 30.71
CA VAL A 1056 -32.75 26.67 30.89
C VAL A 1056 -33.26 26.59 32.31
N LYS A 1057 -34.53 26.23 32.45
CA LYS A 1057 -35.19 26.04 33.74
C LYS A 1057 -35.76 24.62 33.81
N LYS A 1058 -36.32 24.28 34.97
CA LYS A 1058 -36.91 22.97 35.15
C LYS A 1058 -38.16 22.83 34.30
N GLY A 1059 -38.33 21.66 33.69
CA GLY A 1059 -39.47 21.39 32.84
C GLY A 1059 -39.41 22.05 31.47
N GLN A 1060 -38.29 22.68 31.12
CA GLN A 1060 -38.18 23.38 29.86
C GLN A 1060 -38.14 22.40 28.69
N THR A 1061 -38.67 22.85 27.55
CA THR A 1061 -38.65 22.06 26.32
C THR A 1061 -37.98 22.91 25.25
N LEU A 1062 -36.80 23.44 25.60
CA LEU A 1062 -36.07 24.35 24.73
C LEU A 1062 -35.85 23.73 23.35
N ALA A 1063 -36.21 24.49 22.31
CA ALA A 1063 -36.11 24.05 20.92
C ALA A 1063 -35.23 25.04 20.18
N LEU A 1064 -34.11 24.55 19.63
CA LEU A 1064 -33.16 25.39 18.94
C LEU A 1064 -33.07 24.99 17.47
N VAL A 1065 -32.57 25.93 16.65
CA VAL A 1065 -32.41 25.73 15.22
C VAL A 1065 -30.94 25.96 14.88
N GLY A 1066 -30.28 24.91 14.43
CA GLY A 1066 -28.88 25.00 14.02
C GLY A 1066 -28.58 24.00 12.93
N SER A 1067 -27.64 24.34 12.07
CA SER A 1067 -27.38 23.54 10.87
C SER A 1067 -26.65 22.26 11.24
N SER A 1068 -27.28 21.12 10.97
CA SER A 1068 -26.61 19.84 11.17
C SER A 1068 -25.49 19.65 10.15
N GLY A 1069 -25.62 20.27 8.98
CA GLY A 1069 -24.54 20.28 8.02
C GLY A 1069 -23.33 21.00 8.59
N GLY A 1070 -22.21 20.30 8.70
CA GLY A 1070 -21.05 20.86 9.36
C GLY A 1070 -21.17 20.94 10.87
N GLY A 1071 -22.27 20.44 11.43
CA GLY A 1071 -22.48 20.46 12.87
C GLY A 1071 -22.53 21.84 13.46
N LYS A 1072 -23.24 22.76 12.79
CA LYS A 1072 -23.27 24.14 13.25
C LYS A 1072 -23.88 24.24 14.65
N SER A 1073 -24.87 23.41 14.95
CA SER A 1073 -25.45 23.36 16.30
C SER A 1073 -24.64 22.39 17.14
N THR A 1074 -23.52 22.89 17.67
CA THR A 1074 -22.61 22.10 18.48
C THR A 1074 -22.77 22.37 19.97
N VAL A 1075 -23.84 23.07 20.36
CA VAL A 1075 -24.11 23.29 21.79
C VAL A 1075 -24.29 21.96 22.50
N VAL A 1076 -25.03 21.05 21.87
CA VAL A 1076 -25.22 19.72 22.45
C VAL A 1076 -23.88 19.01 22.60
N GLN A 1077 -22.97 19.20 21.66
CA GLN A 1077 -21.64 18.61 21.79
C GLN A 1077 -20.88 19.23 22.96
N LEU A 1078 -20.97 20.55 23.13
CA LEU A 1078 -20.24 21.23 24.18
C LEU A 1078 -20.79 20.94 25.57
N LEU A 1079 -22.05 20.51 25.68
CA LEU A 1079 -22.64 20.28 26.99
C LEU A 1079 -21.89 19.20 27.79
N GLU A 1080 -21.56 18.09 27.15
CA GLU A 1080 -20.84 17.00 27.82
C GLU A 1080 -19.33 17.08 27.63
N ARG A 1081 -18.81 18.26 27.29
CA ARG A 1081 -17.37 18.48 27.18
C ARG A 1081 -16.74 17.53 26.17
N PHE A 1082 -17.40 17.35 25.03
CA PHE A 1082 -16.70 16.79 23.88
C PHE A 1082 -15.56 17.68 23.45
N TYR A 1083 -15.75 18.99 23.54
CA TYR A 1083 -14.74 19.98 23.17
C TYR A 1083 -14.58 20.97 24.31
N ASP A 1084 -13.42 21.60 24.37
CA ASP A 1084 -13.10 22.53 25.45
C ASP A 1084 -13.38 23.95 24.99
N PRO A 1085 -14.31 24.66 25.63
CA PRO A 1085 -14.54 26.07 25.27
C PRO A 1085 -13.28 26.90 25.51
N MET A 1086 -13.07 27.89 24.64
CA MET A 1086 -11.87 28.72 24.68
C MET A 1086 -12.10 30.02 25.44
N ALA A 1087 -13.23 30.69 25.23
CA ALA A 1087 -13.51 31.96 25.87
C ALA A 1087 -14.77 31.94 26.72
N GLY A 1088 -15.87 31.44 26.17
CA GLY A 1088 -17.14 31.45 26.88
C GLY A 1088 -17.27 30.40 27.95
N SER A 1089 -17.77 30.80 29.12
CA SER A 1089 -17.96 29.89 30.23
C SER A 1089 -19.42 29.47 30.33
N VAL A 1090 -19.64 28.21 30.74
CA VAL A 1090 -20.96 27.63 30.88
C VAL A 1090 -21.15 27.24 32.34
N PHE A 1091 -22.24 27.71 32.94
CA PHE A 1091 -22.53 27.47 34.34
C PHE A 1091 -23.78 26.62 34.48
N LEU A 1092 -23.65 25.48 35.16
CA LEU A 1092 -24.77 24.60 35.44
C LEU A 1092 -25.08 24.67 36.93
N ASP A 1093 -26.33 25.04 37.24
CA ASP A 1093 -26.77 25.20 38.63
C ASP A 1093 -25.88 26.16 39.41
N GLY A 1094 -25.45 27.22 38.73
CA GLY A 1094 -24.59 28.20 39.35
C GLY A 1094 -23.18 27.71 39.64
N LYS A 1095 -22.77 26.61 39.02
CA LYS A 1095 -21.45 26.04 39.22
C LYS A 1095 -20.75 25.88 37.87
N GLU A 1096 -19.49 26.29 37.82
CA GLU A 1096 -18.72 26.13 36.59
C GLU A 1096 -18.42 24.67 36.34
N ILE A 1097 -18.61 24.23 35.09
CA ILE A 1097 -18.43 22.83 34.75
C ILE A 1097 -16.96 22.41 34.82
N LYS A 1098 -16.03 23.36 34.79
CA LYS A 1098 -14.61 23.01 34.81
C LYS A 1098 -14.24 22.28 36.10
N GLN A 1099 -14.71 22.77 37.24
CA GLN A 1099 -14.43 22.10 38.51
C GLN A 1099 -15.29 20.86 38.70
N LEU A 1100 -16.38 20.72 37.95
CA LEU A 1100 -17.24 19.56 38.08
C LEU A 1100 -16.54 18.32 37.53
N ASN A 1101 -16.89 17.17 38.10
CA ASN A 1101 -16.34 15.90 37.65
C ASN A 1101 -16.89 15.54 36.28
N VAL A 1102 -16.00 15.11 35.39
CA VAL A 1102 -16.41 14.81 34.02
C VAL A 1102 -17.33 13.60 33.98
N GLN A 1103 -17.03 12.56 34.76
CA GLN A 1103 -17.89 11.39 34.79
C GLN A 1103 -19.26 11.73 35.37
N TRP A 1104 -19.29 12.55 36.42
CA TRP A 1104 -20.56 12.98 36.99
C TRP A 1104 -21.36 13.79 35.99
N LEU A 1105 -20.71 14.69 35.24
CA LEU A 1105 -21.41 15.47 34.23
C LEU A 1105 -21.97 14.58 33.13
N ARG A 1106 -21.17 13.62 32.65
CA ARG A 1106 -21.62 12.73 31.59
C ARG A 1106 -22.62 11.68 32.07
N ALA A 1107 -22.77 11.51 33.38
CA ALA A 1107 -23.75 10.58 33.93
C ALA A 1107 -25.11 11.22 34.09
N GLN A 1108 -25.28 12.49 33.75
CA GLN A 1108 -26.54 13.20 33.91
C GLN A 1108 -27.12 13.69 32.59
N LEU A 1109 -26.46 13.43 31.47
CA LEU A 1109 -26.87 13.94 30.17
C LEU A 1109 -27.38 12.80 29.31
N GLY A 1110 -28.69 12.74 29.11
CA GLY A 1110 -29.28 11.74 28.23
C GLY A 1110 -29.24 12.18 26.78
N ILE A 1111 -28.08 12.07 26.14
CA ILE A 1111 -27.92 12.53 24.77
C ILE A 1111 -28.44 11.48 23.79
N VAL A 1112 -29.02 11.93 22.70
CA VAL A 1112 -29.47 11.07 21.60
C VAL A 1112 -28.89 11.61 20.32
N SER A 1113 -28.14 10.77 19.60
CA SER A 1113 -27.45 11.21 18.39
C SER A 1113 -28.42 11.22 17.20
N GLN A 1114 -27.93 11.72 16.07
CA GLN A 1114 -28.72 11.70 14.84
C GLN A 1114 -28.86 10.27 14.33
N GLU A 1115 -27.73 9.62 14.06
CA GLU A 1115 -27.75 8.21 13.66
C GLU A 1115 -27.37 7.35 14.86
N PRO A 1116 -28.28 6.52 15.36
CA PRO A 1116 -27.99 5.69 16.55
C PRO A 1116 -27.17 4.45 16.21
N ILE A 1117 -25.84 4.62 16.20
CA ILE A 1117 -24.95 3.52 15.91
C ILE A 1117 -25.15 2.40 16.93
N LEU A 1118 -24.99 1.16 16.48
CA LEU A 1118 -25.27 -0.02 17.30
C LEU A 1118 -24.07 -0.96 17.31
N PHE A 1119 -23.84 -1.57 18.47
CA PHE A 1119 -22.82 -2.58 18.64
C PHE A 1119 -23.40 -3.96 18.35
N ASP A 1120 -22.58 -5.01 18.52
CA ASP A 1120 -23.03 -6.38 18.38
C ASP A 1120 -23.66 -6.90 19.66
N ARG A 1121 -23.70 -6.07 20.71
CA ARG A 1121 -24.27 -6.48 21.98
C ARG A 1121 -25.77 -6.72 21.84
N SER A 1122 -26.29 -7.61 22.69
CA SER A 1122 -27.71 -7.94 22.66
C SER A 1122 -28.55 -6.72 23.02
N ILE A 1123 -29.87 -6.85 22.82
CA ILE A 1123 -30.77 -5.72 23.02
C ILE A 1123 -30.89 -5.40 24.51
N ALA A 1124 -31.04 -6.42 25.36
CA ALA A 1124 -31.19 -6.17 26.78
C ALA A 1124 -29.94 -5.52 27.38
N GLU A 1125 -28.77 -6.04 27.03
CA GLU A 1125 -27.55 -5.44 27.55
C GLU A 1125 -27.25 -4.10 26.87
N ASN A 1126 -27.75 -3.90 25.66
CA ASN A 1126 -27.66 -2.60 25.02
C ASN A 1126 -28.45 -1.55 25.79
N ILE A 1127 -29.65 -1.94 26.25
CA ILE A 1127 -30.39 -1.06 27.15
C ILE A 1127 -29.63 -0.88 28.45
N ALA A 1128 -29.03 -1.95 28.96
CA ALA A 1128 -28.23 -1.86 30.17
C ALA A 1128 -27.00 -0.97 29.99
N TYR A 1129 -26.63 -0.67 28.74
CA TYR A 1129 -25.51 0.24 28.47
C TYR A 1129 -25.77 1.64 29.03
N GLY A 1130 -27.02 1.98 29.31
CA GLY A 1130 -27.30 3.30 29.87
C GLY A 1130 -26.64 3.50 31.22
N ASP A 1131 -26.73 2.50 32.08
CA ASP A 1131 -26.15 2.59 33.43
C ASP A 1131 -24.77 1.94 33.51
N ASN A 1132 -23.84 2.41 32.68
CA ASN A 1132 -22.45 2.00 32.84
C ASN A 1132 -21.82 2.67 34.05
N SER A 1133 -20.89 1.95 34.69
CA SER A 1133 -20.27 2.37 35.94
C SER A 1133 -21.32 2.63 37.03
N ARG A 1134 -22.44 1.91 36.95
CA ARG A 1134 -23.53 2.05 37.90
C ARG A 1134 -24.14 0.68 38.14
N VAL A 1135 -25.13 0.63 39.04
CA VAL A 1135 -25.78 -0.62 39.40
C VAL A 1135 -26.61 -1.11 38.23
N VAL A 1136 -26.27 -2.29 37.71
CA VAL A 1136 -27.00 -2.92 36.63
C VAL A 1136 -27.79 -4.11 37.17
N SER A 1137 -29.05 -4.20 36.77
CA SER A 1137 -29.93 -5.27 37.22
C SER A 1137 -30.99 -5.49 36.15
N TYR A 1138 -32.04 -6.23 36.49
CA TYR A 1138 -33.15 -6.45 35.59
C TYR A 1138 -34.39 -5.73 36.13
N GLU A 1139 -35.51 -5.93 35.44
CA GLU A 1139 -36.84 -5.36 35.64
C GLU A 1139 -36.83 -3.83 35.61
N GLU A 1140 -35.72 -3.19 35.24
CA GLU A 1140 -35.76 -1.79 34.86
C GLU A 1140 -35.65 -1.59 33.36
N ILE A 1141 -35.05 -2.57 32.66
CA ILE A 1141 -35.08 -2.55 31.20
C ILE A 1141 -36.51 -2.67 30.70
N VAL A 1142 -37.33 -3.49 31.37
CA VAL A 1142 -38.74 -3.59 31.01
C VAL A 1142 -39.45 -2.26 31.23
N ARG A 1143 -39.13 -1.57 32.33
CA ARG A 1143 -39.74 -0.26 32.58
C ARG A 1143 -39.33 0.75 31.51
N ALA A 1144 -38.06 0.74 31.12
CA ALA A 1144 -37.61 1.64 30.06
C ALA A 1144 -38.29 1.31 28.73
N ALA A 1145 -38.47 0.01 28.46
CA ALA A 1145 -39.17 -0.40 27.24
C ALA A 1145 -40.61 0.09 27.24
N LYS A 1146 -41.28 -0.03 28.38
CA LYS A 1146 -42.65 0.47 28.49
C LYS A 1146 -42.70 1.98 28.31
N GLU A 1147 -41.72 2.69 28.88
CA GLU A 1147 -41.67 4.14 28.71
C GLU A 1147 -41.46 4.52 27.25
N ALA A 1148 -40.60 3.79 26.54
CA ALA A 1148 -40.29 4.12 25.15
C ALA A 1148 -41.27 3.52 24.15
N ASN A 1149 -42.21 2.70 24.60
CA ASN A 1149 -43.23 2.09 23.74
C ASN A 1149 -42.58 1.19 22.69
N ILE A 1150 -41.74 0.26 23.17
CA ILE A 1150 -41.12 -0.75 22.34
C ILE A 1150 -41.57 -2.15 22.70
N HIS A 1151 -42.44 -2.30 23.71
CA HIS A 1151 -42.86 -3.61 24.16
C HIS A 1151 -43.60 -4.38 23.05
N GLN A 1152 -44.45 -3.68 22.29
CA GLN A 1152 -45.20 -4.34 21.23
C GLN A 1152 -44.27 -4.91 20.17
N PHE A 1153 -43.23 -4.16 19.80
CA PHE A 1153 -42.28 -4.65 18.81
C PHE A 1153 -41.43 -5.78 19.38
N ILE A 1154 -40.97 -5.65 20.62
CA ILE A 1154 -40.12 -6.69 21.22
C ILE A 1154 -40.92 -7.89 21.68
N ASP A 1155 -42.25 -7.87 21.49
CA ASP A 1155 -43.04 -9.08 21.76
C ASP A 1155 -42.56 -10.24 20.90
N SER A 1156 -42.24 -9.97 19.63
CA SER A 1156 -41.59 -10.98 18.80
C SER A 1156 -40.20 -11.25 19.35
N LEU A 1157 -39.88 -12.54 19.52
CA LEU A 1157 -38.66 -12.97 20.23
C LEU A 1157 -38.59 -12.26 21.57
N PRO A 1158 -39.49 -12.58 22.51
CA PRO A 1158 -39.55 -11.81 23.76
C PRO A 1158 -38.39 -12.05 24.70
N ASP A 1159 -37.45 -12.93 24.36
CA ASP A 1159 -36.34 -13.21 25.26
C ASP A 1159 -35.49 -11.97 25.50
N LYS A 1160 -35.20 -11.23 24.44
CA LYS A 1160 -34.46 -9.97 24.50
C LYS A 1160 -33.00 -10.18 24.90
N TYR A 1161 -32.64 -11.42 25.21
CA TYR A 1161 -31.31 -11.72 25.72
C TYR A 1161 -30.38 -12.25 24.64
N ASN A 1162 -30.88 -13.08 23.72
CA ASN A 1162 -30.11 -13.60 22.61
C ASN A 1162 -30.40 -12.86 21.30
N THR A 1163 -31.21 -11.81 21.35
CA THR A 1163 -31.64 -11.11 20.14
C THR A 1163 -30.60 -10.06 19.74
N ARG A 1164 -29.38 -10.53 19.49
CA ARG A 1164 -28.31 -9.64 19.07
C ARG A 1164 -28.55 -9.16 17.64
N VAL A 1165 -28.09 -7.95 17.34
CA VAL A 1165 -28.30 -7.38 15.98
C VAL A 1165 -27.08 -7.76 15.15
N GLY A 1166 -26.47 -8.89 15.51
CA GLY A 1166 -25.23 -9.33 14.85
C GLY A 1166 -25.44 -9.80 13.43
N ASP A 1167 -24.52 -9.44 12.53
CA ASP A 1167 -24.61 -9.85 11.11
C ASP A 1167 -25.86 -9.20 10.54
N LYS A 1168 -26.34 -8.12 11.17
CA LYS A 1168 -27.62 -7.48 10.77
C LYS A 1168 -28.73 -8.50 11.00
N GLY A 1169 -28.50 -9.48 11.88
CA GLY A 1169 -29.51 -10.50 12.22
C GLY A 1169 -30.49 -9.87 13.16
N THR A 1170 -31.65 -10.50 13.38
CA THR A 1170 -32.64 -9.77 14.18
C THR A 1170 -32.61 -8.29 13.82
N GLN A 1171 -32.94 -8.00 12.56
CA GLN A 1171 -32.80 -6.66 12.02
C GLN A 1171 -33.80 -5.70 12.65
N LEU A 1172 -33.34 -4.48 12.91
CA LEU A 1172 -34.18 -3.40 13.42
C LEU A 1172 -34.21 -2.27 12.40
N SER A 1173 -35.41 -1.78 12.10
CA SER A 1173 -35.55 -0.69 11.15
C SER A 1173 -35.21 0.64 11.84
N GLY A 1174 -35.28 1.72 11.05
CA GLY A 1174 -34.88 3.02 11.58
C GLY A 1174 -35.76 3.50 12.71
N GLY A 1175 -37.07 3.33 12.58
CA GLY A 1175 -37.97 3.82 13.62
C GLY A 1175 -37.77 3.11 14.95
N GLN A 1176 -37.72 1.79 14.94
CA GLN A 1176 -37.51 1.05 16.17
C GLN A 1176 -36.09 1.25 16.71
N LYS A 1177 -35.10 1.44 15.83
CA LYS A 1177 -33.75 1.72 16.30
C LYS A 1177 -33.70 3.07 17.02
N GLN A 1178 -34.35 4.07 16.47
CA GLN A 1178 -34.46 5.35 17.17
C GLN A 1178 -35.19 5.18 18.50
N ARG A 1179 -36.27 4.41 18.49
CA ARG A 1179 -37.05 4.23 19.71
C ARG A 1179 -36.23 3.58 20.81
N ILE A 1180 -35.44 2.56 20.46
CA ILE A 1180 -34.58 1.95 21.47
C ILE A 1180 -33.40 2.86 21.82
N ALA A 1181 -33.02 3.78 20.93
CA ALA A 1181 -32.02 4.77 21.29
C ALA A 1181 -32.53 5.69 22.40
N ILE A 1182 -33.75 6.21 22.26
CA ILE A 1182 -34.34 6.97 23.37
C ILE A 1182 -34.55 6.09 24.59
N ALA A 1183 -34.86 4.80 24.39
CA ALA A 1183 -34.99 3.91 25.54
C ALA A 1183 -33.68 3.82 26.31
N ARG A 1184 -32.56 3.68 25.59
CA ARG A 1184 -31.25 3.63 26.22
C ARG A 1184 -30.91 4.95 26.88
N ALA A 1185 -31.33 6.06 26.28
CA ALA A 1185 -31.13 7.36 26.92
C ALA A 1185 -31.90 7.45 28.23
N LEU A 1186 -33.14 6.93 28.25
CA LEU A 1186 -34.00 7.04 29.42
C LEU A 1186 -33.59 6.09 30.54
N VAL A 1187 -33.04 4.92 30.20
CA VAL A 1187 -32.77 3.91 31.22
C VAL A 1187 -31.77 4.40 32.25
N ARG A 1188 -30.85 5.30 31.87
CA ARG A 1188 -29.96 5.91 32.85
C ARG A 1188 -30.72 6.72 33.89
N GLN A 1189 -31.91 7.21 33.55
CA GLN A 1189 -32.69 8.15 34.35
C GLN A 1189 -31.83 9.39 34.60
N PRO A 1190 -31.53 10.18 33.57
CA PRO A 1190 -30.82 11.44 33.78
C PRO A 1190 -31.79 12.60 33.93
N HIS A 1191 -31.32 13.63 34.65
CA HIS A 1191 -32.19 14.78 34.92
C HIS A 1191 -32.44 15.61 33.67
N ILE A 1192 -31.52 15.62 32.71
CA ILE A 1192 -31.62 16.45 31.53
C ILE A 1192 -31.29 15.63 30.29
N LEU A 1193 -32.01 15.89 29.20
CA LEU A 1193 -31.94 15.10 27.98
C LEU A 1193 -31.64 16.01 26.79
N LEU A 1194 -30.98 15.43 25.79
CA LEU A 1194 -30.72 16.08 24.51
C LEU A 1194 -31.27 15.19 23.41
N LEU A 1195 -31.93 15.81 22.42
CA LEU A 1195 -32.61 15.05 21.38
C LEU A 1195 -32.32 15.66 20.01
N ASP A 1196 -32.50 14.84 18.98
CA ASP A 1196 -32.34 15.27 17.59
C ASP A 1196 -32.97 14.23 16.69
N GLU A 1197 -33.75 14.68 15.70
CA GLU A 1197 -34.40 13.81 14.74
C GLU A 1197 -34.18 14.38 13.34
N ALA A 1198 -33.45 13.64 12.50
CA ALA A 1198 -33.17 14.07 11.13
C ALA A 1198 -33.79 13.15 10.11
N THR A 1199 -33.50 11.85 10.16
CA THR A 1199 -34.00 10.90 9.18
C THR A 1199 -35.30 10.21 9.62
N SER A 1200 -35.73 10.43 10.86
CA SER A 1200 -36.95 9.79 11.33
C SER A 1200 -38.16 10.22 10.51
N ALA A 1201 -38.17 11.47 10.03
CA ALA A 1201 -39.25 11.95 9.19
C ALA A 1201 -39.33 11.21 7.87
N LEU A 1202 -38.28 10.50 7.48
CA LEU A 1202 -38.36 9.65 6.29
C LEU A 1202 -39.22 8.42 6.51
N ASP A 1203 -39.40 8.00 7.77
CA ASP A 1203 -40.22 6.82 8.05
C ASP A 1203 -41.68 7.07 7.70
N THR A 1204 -42.22 8.22 8.10
CA THR A 1204 -43.60 8.67 7.89
C THR A 1204 -44.62 7.83 8.65
N GLU A 1205 -44.20 6.79 9.36
CA GLU A 1205 -45.08 5.98 10.18
C GLU A 1205 -44.69 5.97 11.64
N SER A 1206 -43.41 5.77 11.95
CA SER A 1206 -42.91 5.79 13.32
C SER A 1206 -42.78 7.21 13.86
N GLU A 1207 -43.08 8.22 13.06
CA GLU A 1207 -43.00 9.60 13.52
C GLU A 1207 -43.88 9.82 14.73
N LYS A 1208 -45.13 9.35 14.66
CA LYS A 1208 -46.06 9.56 15.77
C LYS A 1208 -45.59 8.83 17.03
N VAL A 1209 -45.09 7.60 16.88
CA VAL A 1209 -44.67 6.83 18.05
C VAL A 1209 -43.46 7.49 18.71
N VAL A 1210 -42.47 7.88 17.91
CA VAL A 1210 -41.28 8.51 18.48
C VAL A 1210 -41.63 9.87 19.07
N GLN A 1211 -42.56 10.60 18.45
CA GLN A 1211 -42.98 11.89 19.01
C GLN A 1211 -43.69 11.70 20.34
N GLU A 1212 -44.54 10.67 20.45
CA GLU A 1212 -45.20 10.40 21.72
C GLU A 1212 -44.20 10.00 22.80
N ALA A 1213 -43.19 9.21 22.43
CA ALA A 1213 -42.15 8.85 23.40
C ALA A 1213 -41.40 10.09 23.87
N LEU A 1214 -41.05 10.97 22.93
CA LEU A 1214 -40.37 12.22 23.30
C LEU A 1214 -41.27 13.09 24.17
N ASP A 1215 -42.57 13.11 23.87
CA ASP A 1215 -43.51 13.89 24.68
C ASP A 1215 -43.55 13.38 26.11
N LYS A 1216 -43.62 12.05 26.27
CA LYS A 1216 -43.62 11.49 27.62
C LYS A 1216 -42.31 11.77 28.35
N ALA A 1217 -41.19 11.66 27.64
CA ALA A 1217 -39.91 11.96 28.27
C ALA A 1217 -39.83 13.42 28.72
N ARG A 1218 -40.31 14.34 27.88
CA ARG A 1218 -40.18 15.76 28.21
C ARG A 1218 -41.19 16.18 29.28
N GLU A 1219 -42.35 15.54 29.34
CA GLU A 1219 -43.26 15.85 30.45
C GLU A 1219 -42.75 15.23 31.75
N GLY A 1220 -42.02 14.11 31.66
CA GLY A 1220 -41.39 13.57 32.84
C GLY A 1220 -40.25 14.44 33.36
N ARG A 1221 -39.46 15.01 32.45
CA ARG A 1221 -38.25 15.72 32.83
C ARG A 1221 -37.84 16.71 31.76
N THR A 1222 -36.99 17.66 32.17
CA THR A 1222 -36.57 18.72 31.27
C THR A 1222 -35.75 18.16 30.11
N VAL A 1223 -36.03 18.66 28.91
CA VAL A 1223 -35.43 18.14 27.68
C VAL A 1223 -35.06 19.31 26.77
N ILE A 1224 -33.90 19.22 26.14
CA ILE A 1224 -33.45 20.20 25.15
C ILE A 1224 -33.49 19.53 23.78
N VAL A 1225 -34.10 20.19 22.81
CA VAL A 1225 -34.34 19.64 21.48
C VAL A 1225 -33.75 20.57 20.43
N ILE A 1226 -33.03 19.99 19.47
CA ILE A 1226 -32.48 20.72 18.34
C ILE A 1226 -32.69 19.88 17.08
N ALA A 1227 -33.49 20.37 16.15
CA ALA A 1227 -33.73 19.64 14.91
C ALA A 1227 -34.20 20.61 13.83
N HIS A 1228 -33.96 20.22 12.57
CA HIS A 1228 -34.46 20.99 11.43
C HIS A 1228 -35.95 20.81 11.22
N ARG A 1229 -36.53 19.70 11.67
CA ARG A 1229 -37.94 19.41 11.44
C ARG A 1229 -38.78 20.44 12.19
N LEU A 1230 -39.35 21.39 11.45
CA LEU A 1230 -40.26 22.36 12.06
C LEU A 1230 -41.54 21.70 12.53
N SER A 1231 -41.89 20.54 11.96
CA SER A 1231 -43.09 19.83 12.40
C SER A 1231 -42.98 19.41 13.86
N THR A 1232 -41.80 18.91 14.26
CA THR A 1232 -41.61 18.47 15.64
C THR A 1232 -41.72 19.66 16.60
N ILE A 1233 -41.10 20.79 16.26
CA ILE A 1233 -41.15 21.94 17.15
C ILE A 1233 -42.56 22.52 17.20
N GLN A 1234 -43.25 22.48 16.05
CA GLN A 1234 -44.66 22.95 16.06
C GLN A 1234 -45.29 22.20 17.22
N ASN A 1235 -45.04 20.89 17.29
CA ASN A 1235 -45.57 20.07 18.40
C ASN A 1235 -44.95 20.53 19.71
N ALA A 1236 -43.66 20.89 19.69
CA ALA A 1236 -43.00 21.27 20.96
C ALA A 1236 -43.76 22.45 21.58
N ASP A 1237 -44.01 22.40 22.89
CA ASP A 1237 -44.87 23.44 23.52
C ASP A 1237 -44.07 24.48 24.31
N LEU A 1238 -43.40 24.08 25.39
CA LEU A 1238 -42.70 25.08 26.25
C LEU A 1238 -41.35 25.35 25.59
N ILE A 1239 -41.35 26.15 24.52
CA ILE A 1239 -40.08 26.30 23.74
C ILE A 1239 -39.71 27.76 23.57
N VAL A 1240 -38.46 27.99 23.25
CA VAL A 1240 -38.01 29.38 22.93
C VAL A 1240 -37.03 29.23 21.78
N VAL A 1241 -37.42 29.58 20.55
CA VAL A 1241 -36.46 29.55 19.45
C VAL A 1241 -35.37 30.59 19.68
N ILE A 1242 -34.11 30.17 19.53
CA ILE A 1242 -32.97 31.06 19.58
C ILE A 1242 -32.07 30.78 18.39
N GLN A 1243 -31.69 31.85 17.70
CA GLN A 1243 -30.72 31.75 16.61
C GLN A 1243 -29.74 32.91 16.75
N ASN A 1244 -28.52 32.59 17.18
CA ASN A 1244 -27.48 33.59 17.44
C ASN A 1244 -27.94 34.61 18.48
N GLY A 1245 -28.83 34.16 19.37
CA GLY A 1245 -29.36 35.02 20.44
C GLY A 1245 -30.44 35.97 19.97
N LYS A 1246 -30.75 35.97 18.66
CA LYS A 1246 -31.72 36.96 18.12
C LYS A 1246 -33.14 36.79 18.68
N VAL A 1247 -33.62 35.55 18.85
CA VAL A 1247 -35.04 35.35 19.29
C VAL A 1247 -35.02 34.72 20.69
N LYS A 1248 -35.97 35.08 21.55
CA LYS A 1248 -36.07 34.45 22.90
C LYS A 1248 -37.49 33.96 23.19
N GLU A 1249 -38.33 33.76 22.17
CA GLU A 1249 -39.77 33.40 22.39
C GLU A 1249 -40.34 32.64 21.18
N HIS A 1250 -41.65 32.38 21.18
CA HIS A 1250 -42.29 31.61 20.08
C HIS A 1250 -42.10 32.34 18.75
N GLY A 1251 -41.96 31.58 17.65
CA GLY A 1251 -41.84 32.21 16.32
C GLY A 1251 -43.09 33.00 16.01
N THR A 1252 -44.26 32.49 16.43
CA THR A 1252 -45.53 33.22 16.25
C THR A 1252 -45.48 34.54 17.03
N HIS A 1253 -44.86 34.54 18.21
CA HIS A 1253 -44.88 35.75 19.06
C HIS A 1253 -44.23 36.92 18.29
N GLN A 1254 -43.13 36.70 17.57
CA GLN A 1254 -42.58 37.85 16.79
C GLN A 1254 -42.89 37.66 15.30
N GLN A 1255 -42.06 38.21 14.42
CA GLN A 1255 -42.26 38.02 12.96
C GLN A 1255 -42.15 36.52 12.68
N LEU A 1256 -42.97 36.00 11.75
CA LEU A 1256 -42.99 34.53 11.52
C LEU A 1256 -41.82 34.13 10.61
N LEU A 1257 -40.59 34.51 10.98
CA LEU A 1257 -39.40 34.05 10.22
C LEU A 1257 -39.29 32.54 10.43
N ALA A 1258 -39.57 32.09 11.65
CA ALA A 1258 -39.51 30.65 11.97
C ALA A 1258 -40.46 29.88 11.04
N GLN A 1259 -41.68 30.39 10.83
CA GLN A 1259 -42.65 29.63 9.99
C GLN A 1259 -42.20 29.64 8.54
N LYS A 1260 -42.43 28.53 7.81
CA LYS A 1260 -42.06 28.42 6.38
C LYS A 1260 -42.06 29.80 5.73
C01 JJI B . 24.92 -24.73 4.89
C02 JJI B . 23.77 -23.75 4.69
C03 JJI B . 21.85 -22.08 5.04
C04 JJI B . 21.93 -22.16 3.68
C05 JJI B . 20.89 -21.22 5.85
C06 JJI B . 19.47 -21.03 7.74
C07 JJI B . 20.52 -20.45 8.65
C08 JJI B . 22.62 -20.17 10.07
C09 JJI B . 22.04 -18.92 10.16
C10 JJI B . 23.89 -20.69 10.74
C11 JJI B . 25.08 -22.75 11.26
C12 JJI B . 25.89 -23.52 10.23
C13 JJI B . 26.76 -24.59 8.10
C14 JJI B . 27.71 -24.98 9.02
C15 JJI B . 26.63 -24.87 6.62
C16 JJI B . 18.42 -21.81 8.52
C17 JJI B . 24.52 -23.80 12.19
C18 JJI B . 24.48 -26.17 4.77
N01 JJI B . 25.28 -24.53 6.27
N02 JJI B . 23.10 -23.15 5.72
N03 JJI B . 20.31 -21.94 6.98
N04 JJI B . 21.60 -21.20 9.06
N05 JJI B . 23.92 -22.15 10.64
N06 JJI B . 25.53 -23.62 8.92
O01 JJI B . 20.66 -20.09 5.60
O02 JJI B . 24.70 -20.01 11.24
O03 JJI B . 27.48 -25.27 5.90
S01 JJI B . 23.13 -23.21 3.29
S02 JJI B . 20.67 -18.95 9.26
S03 JJI B . 27.26 -24.35 10.47
S04 JJI B . 23.66 -26.44 3.18
S JJI B . 21.81 -27.33 3.58
C1 JJI B . 22.11 -28.91 2.77
C2 JJI B . 21.83 -29.05 1.42
N2 JJI B . 21.28 -27.94 0.67
O21 JJI B . 22.00 -27.12 0.25
O22 JJI B . 19.90 -27.86 0.44
C3 JJI B . 22.08 -30.24 0.80
C4 JJI B . 22.60 -31.29 1.54
N4 JJI B . 22.85 -32.54 0.87
O41 JJI B . 22.87 -33.52 1.51
O42 JJI B . 23.06 -32.55 -0.51
C5 JJI B . 22.89 -31.16 2.87
C6 JJI B . 22.64 -29.95 3.51
C10 JIZ C . 30.76 -22.93 7.63
C13 JIZ C . 30.92 -23.87 2.19
C15 JIZ C . 29.85 -23.48 1.18
C17 JIZ C . 31.79 -25.90 6.36
C01 JIZ C . 27.40 -23.63 0.56
C02 JIZ C . 26.59 -22.53 1.22
C03 JIZ C . 25.64 -21.06 2.88
C04 JIZ C . 25.02 -20.65 1.56
C05 JIZ C . 25.40 -20.45 4.25
C06 JIZ C . 26.18 -20.38 6.68
C07 JIZ C . 27.38 -20.96 7.41
C08 JIZ C . 29.50 -22.13 7.92
C09 JIZ C . 29.04 -21.63 9.20
C11 JIZ C . 31.95 -24.45 5.95
C12 JIZ C . 31.86 -24.31 4.44
C14 JIZ C . 32.31 -24.27 1.95
C16 JIZ C . 24.90 -20.90 7.32
C18 JIZ C . 26.53 -24.88 0.42
N01 JIZ C . 28.51 -23.96 1.43
N02 JIZ C . 26.66 -22.31 2.58
N03 JIZ C . 26.29 -20.88 5.32
N04 JIZ C . 28.43 -21.70 6.78
N05 JIZ C . 30.82 -23.66 6.39
N06 JIZ C . 30.66 -23.91 3.78
O01 JIZ C . 24.53 -19.67 4.44
O02 JIZ C . 31.67 -22.95 8.39
O03 JIZ C . 30.11 -22.81 0.24
S01 JIZ C . 25.63 -21.60 0.47
S02 JIZ C . 27.69 -20.88 8.96
S03 JIZ C . 32.96 -24.56 3.33
S04 JIZ C . 27.07 -26.10 1.63
CAA Y01 D . 38.33 -11.31 22.81
CBA Y01 D . 39.27 -10.77 21.74
CAB Y01 D . 40.61 -10.42 22.36
CAN Y01 D . 38.65 -9.57 21.04
CAJ Y01 D . 37.20 -9.71 20.69
CAO Y01 D . 36.67 -8.61 19.80
CBB Y01 D . 35.24 -8.18 20.10
CAC Y01 D . 35.21 -7.24 21.31
CBE Y01 D . 34.55 -7.58 18.86
CAP Y01 D . 35.31 -7.92 17.55
CAQ Y01 D . 34.26 -7.91 16.41
CBG Y01 D . 32.97 -7.48 17.09
CBI Y01 D . 33.10 -8.01 18.53
CAE Y01 D . 33.00 -9.53 18.59
CAU Y01 D . 32.00 -7.34 19.35
CAS Y01 D . 30.62 -7.63 18.76
CBF Y01 D . 30.50 -7.21 17.28
CBD Y01 D . 31.64 -7.82 16.43
CAK Y01 D . 31.57 -7.28 15.01
CAI Y01 D . 30.16 -7.25 14.47
CAZ Y01 D . 29.13 -6.99 15.25
CAV Y01 D . 28.02 -6.05 14.84
CBH Y01 D . 29.10 -7.51 16.67
CAD Y01 D . 28.81 -9.03 16.65
CAT Y01 D . 28.01 -6.74 17.43
CAR Y01 D . 26.63 -6.83 16.78
CBC Y01 D . 26.65 -6.47 15.32
OAW Y01 D . 26.23 -7.62 14.53
CAY Y01 D . 25.17 -7.48 13.73
OAG Y01 D . 24.93 -8.19 12.81
CAM Y01 D . 24.32 -6.32 14.13
CAL Y01 D . 23.08 -6.18 13.28
CAX Y01 D . 22.20 -4.99 13.63
OAH Y01 D . 21.92 -4.18 12.72
OAF Y01 D . 21.80 -4.89 14.81
CAA Y01 E . 18.18 -37.80 7.89
CBA Y01 E . 19.07 -37.66 9.11
CAB Y01 E . 19.70 -36.28 9.17
CAN Y01 E . 20.14 -38.74 9.16
CAJ Y01 E . 21.24 -38.47 10.14
CAO Y01 E . 22.04 -39.68 10.48
CBB Y01 E . 23.00 -39.45 11.65
CAC Y01 E . 22.22 -38.91 12.85
CBE Y01 E . 23.77 -40.73 11.98
CAP Y01 E . 24.15 -41.52 10.70
CAQ Y01 E . 25.44 -42.31 11.02
CBG Y01 E . 25.63 -42.07 12.52
CBI Y01 E . 25.13 -40.64 12.73
CAE Y01 E . 26.02 -39.58 12.06
CAU Y01 E . 25.06 -40.40 14.25
CAS Y01 E . 26.40 -40.71 14.93
CBF Y01 E . 26.89 -42.13 14.64
CBD Y01 E . 27.00 -42.36 13.13
CAK Y01 E . 27.42 -43.79 12.81
CAI Y01 E . 28.43 -44.33 13.76
CAZ Y01 E . 28.84 -43.71 14.86
CAV Y01 E . 29.97 -44.28 15.69
CBH Y01 E . 28.19 -42.47 15.42
CAD Y01 E . 29.20 -41.32 15.36
CAT Y01 E . 27.82 -42.75 16.89
CAR Y01 E . 28.10 -44.20 17.31
CBC Y01 E . 29.54 -44.56 17.11
OAW Y01 E . 30.37 -43.74 17.99
CAY Y01 E . 31.25 -44.35 18.78
OAG Y01 E . 31.91 -43.77 19.61
CAM Y01 E . 31.34 -45.82 18.53
CAL Y01 E . 32.70 -46.34 18.10
CAX Y01 E . 32.68 -47.79 17.64
OAH Y01 E . 32.32 -48.65 18.46
OAF Y01 E . 33.04 -48.05 16.47
CAA Y01 F . 37.76 -5.82 -24.69
CBA Y01 F . 36.92 -5.34 -23.52
CAB Y01 F . 37.54 -4.10 -22.89
CAN Y01 F . 36.71 -6.45 -22.48
CAJ Y01 F . 35.61 -6.20 -21.48
CAO Y01 F . 34.24 -6.09 -22.12
CBB Y01 F . 33.20 -5.33 -21.28
CAC Y01 F . 33.75 -5.11 -19.88
CBE Y01 F . 32.79 -4.02 -21.98
CAP Y01 F . 33.83 -3.53 -23.01
CAQ Y01 F . 33.05 -2.82 -24.14
CBG Y01 F . 31.68 -2.59 -23.51
CBI Y01 F . 31.43 -3.89 -22.72
CAE Y01 F . 31.20 -5.09 -23.65
CAU Y01 F . 30.19 -3.63 -21.85
CAS Y01 F . 28.99 -3.16 -22.67
CBF Y01 F . 29.28 -1.93 -23.54
CBD Y01 F . 30.54 -2.14 -24.41
CAK Y01 F . 30.91 -0.86 -25.14
CAI Y01 F . 29.73 -0.07 -25.60
CAZ Y01 F . 28.46 -0.35 -25.30
CAV Y01 F . 27.33 0.53 -25.78
CBH Y01 F . 28.07 -1.52 -24.40
CAD Y01 F . 27.58 -2.68 -25.29
CAT Y01 F . 26.92 -1.03 -23.50
CAR Y01 F . 26.87 0.49 -23.33
CBC Y01 F . 26.62 1.20 -24.63
OAW Y01 F . 25.19 1.19 -24.93
CAY Y01 F . 24.71 2.18 -25.67
OAG Y01 F . 25.21 3.26 -25.74
CAM Y01 F . 23.46 1.78 -26.40
CAL Y01 F . 23.05 0.35 -26.18
CAX Y01 F . 21.61 0.07 -26.54
OAH Y01 F . 20.72 0.71 -25.95
OAF Y01 F . 21.38 -0.79 -27.41
CAA Y01 G . 38.80 -6.65 -7.05
CBA Y01 G . 39.44 -5.67 -6.09
CAB Y01 G . 39.81 -4.38 -6.81
CAN Y01 G . 40.65 -6.28 -5.37
CAJ Y01 G . 41.76 -6.76 -6.26
CAO Y01 G . 42.86 -7.48 -5.52
CBB Y01 G . 43.73 -8.41 -6.39
CAC Y01 G . 44.30 -7.62 -7.57
CBE Y01 G . 44.82 -9.07 -5.53
CAP Y01 G . 44.35 -9.31 -4.07
CAQ Y01 G . 45.16 -10.51 -3.54
CBG Y01 G . 46.17 -10.79 -4.64
CBI Y01 G . 45.40 -10.45 -5.93
CAE Y01 G . 44.26 -11.45 -6.19
CAU Y01 G . 46.42 -10.48 -7.09
CAS Y01 G . 47.16 -11.82 -7.15
CBF Y01 G . 47.88 -12.14 -5.83
CBD Y01 G . 46.89 -12.12 -4.66
CAK Y01 G . 47.60 -12.33 -3.33
CAI Y01 G . 48.77 -13.26 -3.40
CAZ Y01 G . 49.28 -13.73 -4.53
CAV Y01 G . 50.59 -14.48 -4.53
CBH Y01 G . 48.69 -13.46 -5.90
CAD Y01 G . 47.80 -14.65 -6.29
CAT Y01 G . 49.86 -13.33 -6.89
CAR Y01 G . 51.18 -12.80 -6.30
CBC Y01 G . 51.67 -13.58 -5.10
OAW Y01 G . 52.86 -14.38 -5.38
CAY Y01 G . 52.95 -15.08 -6.51
OAG Y01 G . 52.06 -15.74 -6.96
CAM Y01 G . 54.32 -14.96 -7.11
CAL Y01 G . 54.43 -14.29 -8.46
CAX Y01 G . 55.83 -14.29 -9.04
OAH Y01 G . 56.73 -13.68 -8.43
OAF Y01 G . 56.03 -14.91 -10.10
CAA Y01 H . 38.09 -12.20 -23.39
CBA Y01 H . 36.69 -12.07 -23.94
CAB Y01 H . 36.26 -13.38 -24.57
CAN Y01 H . 36.64 -10.95 -25.03
CAJ Y01 H . 35.31 -10.12 -24.88
CAO Y01 H . 34.97 -9.39 -26.23
CBB Y01 H . 33.64 -8.46 -25.99
CAC Y01 H . 34.21 -7.05 -25.58
CBE Y01 H . 32.80 -8.44 -27.10
CAP Y01 H . 32.15 -9.93 -27.32
CAQ Y01 H . 30.60 -9.65 -28.17
CBG Y01 H . 30.50 -7.94 -28.34
CBI Y01 H . 31.42 -7.38 -27.09
CAE Y01 H . 30.67 -7.68 -25.70
CAU Y01 H . 31.59 -6.15 -27.17
CAS Y01 H . 30.75 -5.47 -27.55
CBF Y01 H . 29.75 -6.08 -28.60
CBD Y01 H . 29.62 -7.45 -28.53
CAK Y01 H . 28.89 -7.90 -29.51
CAI Y01 H . 27.69 -6.89 -30.07
CAZ Y01 H . 27.54 -5.60 -29.55
CAV Y01 H . 26.22 -4.73 -29.84
CBH Y01 H . 28.25 -5.25 -28.55
CAD Y01 H . 27.44 -5.56 -27.25
CAT Y01 H . 28.55 -3.60 -28.61
CAR Y01 H . 27.35 -2.72 -28.87
CBC Y01 H . 26.45 -3.18 -29.81
OAW Y01 H . 25.13 -2.53 -29.47
CAY Y01 H . 24.93 -1.27 -30.08
OAG Y01 H . 24.65 -1.21 -31.24
CAM Y01 H . 25.08 0.02 -29.23
CAL Y01 H . 26.03 1.03 -29.99
CAX Y01 H . 26.09 2.37 -29.22
OAH Y01 H . 26.88 2.49 -28.23
OAF Y01 H . 25.38 3.34 -29.58
#